data_4UAB
#
_entry.id   4UAB
#
_cell.length_a   122.606
_cell.length_b   51.117
_cell.length_c   112.054
_cell.angle_alpha   90.000
_cell.angle_beta   116.270
_cell.angle_gamma   90.000
#
_symmetry.space_group_name_H-M   'C 1 2 1'
#
loop_
_entity.id
_entity.type
_entity.pdbx_description
1 polymer 'Twin-arginine translocation pathway signal'
2 non-polymer 'CHLORIDE ION'
3 non-polymer ETHANOLAMINE
4 water water
#
_entity_poly.entity_id   1
_entity_poly.type   'polypeptide(L)'
_entity_poly.pdbx_seq_one_letter_code
;(MSE)HHHHHHSSGVDLGTENLYFQS(MSE)QSSSEPTIKWR(MSE)QTYAGAALAEHVAKPAIDLFNRIAGDR(MSE)Q
IELYSADQLVPTGELFRA(MSE)QRGTIDAVQSDDDS(MSE)ASPTEVTVFGGYFPFGCRYSLDVPVLFNQYGLKEIWEE
EYAKVGVKHVSAGAWDPCHFATKEPIRSLKDLEGKRVFTFPTAGRFLSRFGVVPVTLPWEDIEVALQTGELDGIAWSGIT
EDYTVGWANVTNYFLTNNISGAWIGHFFVN(MSE)ERWEELPEDLRLLFEVCCEQSHYHRQYWYWGGEARLRVHGDKLEL
TSIPDAEWDQVETAAQEFWDEIAAQSETKAKVVEIFKQYNAD(MSE)RKAGRPYRYVDA
;
_entity_poly.pdbx_strand_id   A,B
#
loop_
_chem_comp.id
_chem_comp.type
_chem_comp.name
_chem_comp.formula
CL non-polymer 'CHLORIDE ION' 'Cl -1'
#
# COMPACT_ATOMS: atom_id res chain seq x y z
N THR A 30 31.80 -7.47 9.10
CA THR A 30 32.13 -6.76 10.33
C THR A 30 31.02 -6.95 11.36
N ILE A 31 29.81 -6.51 11.01
CA ILE A 31 28.66 -6.69 11.89
C ILE A 31 27.84 -7.92 11.48
N LYS A 32 27.53 -8.77 12.45
CA LYS A 32 26.71 -9.95 12.20
C LYS A 32 25.49 -9.94 13.10
N TRP A 33 24.33 -9.99 12.48
CA TRP A 33 23.06 -10.10 13.22
C TRP A 33 22.39 -11.42 12.96
N ARG A 34 21.66 -11.92 13.97
CA ARG A 34 20.68 -12.95 13.74
C ARG A 34 19.30 -12.35 13.98
N MSE A 35 18.38 -12.59 13.04
CA MSE A 35 16.98 -12.18 13.16
C MSE A 35 16.15 -13.45 13.19
O MSE A 35 16.42 -14.38 12.45
CB MSE A 35 16.55 -11.33 11.98
CG MSE A 35 15.05 -11.03 11.95
SE MSE A 35 14.52 -9.99 10.38
CE MSE A 35 15.30 -8.27 10.86
H MSE A 35 18.56 -12.98 12.30
HA MSE A 35 16.85 -11.68 13.98
HB2 MSE A 35 17.02 -10.49 12.01
HB3 MSE A 35 16.77 -11.81 11.16
HG2 MSE A 35 14.56 -11.86 11.94
HG3 MSE A 35 14.81 -10.52 12.75
HE1 MSE A 35 15.12 -7.64 10.16
HE2 MSE A 35 14.91 -7.98 11.69
HE3 MSE A 35 16.25 -8.39 10.98
N GLN A 36 15.18 -13.49 14.09
CA GLN A 36 14.19 -14.56 14.10
C GLN A 36 12.83 -13.94 13.79
N THR A 37 12.13 -14.58 12.87
CA THR A 37 10.77 -14.18 12.57
C THR A 37 9.71 -15.15 13.14
N TYR A 38 8.53 -14.58 13.34
CA TYR A 38 7.34 -15.31 13.76
C TYR A 38 6.94 -16.30 12.64
N ALA A 39 7.36 -16.03 11.40
CA ALA A 39 6.91 -16.82 10.24
C ALA A 39 7.63 -18.16 10.12
N GLY A 40 6.87 -19.21 9.83
CA GLY A 40 7.46 -20.51 9.50
C GLY A 40 8.30 -20.40 8.21
N ALA A 41 9.16 -21.42 7.99
CA ALA A 41 10.10 -21.34 6.87
C ALA A 41 9.42 -21.00 5.53
N ALA A 42 8.39 -21.75 5.15
CA ALA A 42 7.75 -21.53 3.85
C ALA A 42 7.11 -20.15 3.77
N LEU A 43 6.70 -19.59 4.90
CA LEU A 43 6.13 -18.24 4.91
C LEU A 43 7.22 -17.15 4.89
N ALA A 44 8.33 -17.44 5.59
CA ALA A 44 9.46 -16.53 5.65
C ALA A 44 10.01 -16.22 4.26
N GLU A 45 9.93 -17.20 3.36
CA GLU A 45 10.39 -17.02 1.98
C GLU A 45 9.77 -15.82 1.31
N HIS A 46 8.60 -15.41 1.78
CA HIS A 46 7.83 -14.36 1.16
C HIS A 46 7.69 -13.08 1.98
N VAL A 47 7.75 -13.18 3.31
CA VAL A 47 7.44 -12.00 4.13
C VAL A 47 8.64 -11.33 4.79
N ALA A 48 9.81 -11.97 4.70
CA ALA A 48 11.05 -11.44 5.29
C ALA A 48 12.28 -11.69 4.43
N LYS A 49 12.40 -12.88 3.85
CA LYS A 49 13.62 -13.26 3.14
C LYS A 49 14.02 -12.34 1.98
N PRO A 50 13.06 -11.91 1.14
CA PRO A 50 13.54 -11.12 0.01
C PRO A 50 14.22 -9.80 0.43
N ALA A 51 13.66 -9.12 1.43
CA ALA A 51 14.25 -7.85 1.91
C ALA A 51 15.55 -8.06 2.65
N ILE A 52 15.66 -9.15 3.42
CA ILE A 52 16.91 -9.43 4.11
C ILE A 52 18.00 -9.82 3.11
N ASP A 53 17.64 -10.59 2.08
CA ASP A 53 18.62 -10.94 1.04
C ASP A 53 19.10 -9.69 0.32
N LEU A 54 18.22 -8.70 0.15
CA LEU A 54 18.58 -7.47 -0.57
C LEU A 54 19.52 -6.65 0.31
N PHE A 55 19.15 -6.52 1.58
CA PHE A 55 20.04 -5.87 2.55
C PHE A 55 21.45 -6.46 2.45
N ASN A 56 21.54 -7.79 2.40
CA ASN A 56 22.83 -8.46 2.45
C ASN A 56 23.64 -8.25 1.18
N ARG A 57 22.96 -8.19 0.05
CA ARG A 57 23.63 -7.94 -1.23
C ARG A 57 24.19 -6.52 -1.32
N ILE A 58 23.51 -5.58 -0.67
CA ILE A 58 23.91 -4.16 -0.69
C ILE A 58 24.98 -3.89 0.36
N ALA A 59 24.76 -4.42 1.57
CA ALA A 59 25.71 -4.21 2.68
C ALA A 59 27.04 -4.91 2.46
N GLY A 60 27.02 -6.09 1.85
CA GLY A 60 28.21 -6.88 1.68
C GLY A 60 28.99 -7.07 2.98
N ASP A 61 30.31 -6.85 2.93
CA ASP A 61 31.18 -7.20 4.04
C ASP A 61 31.05 -6.28 5.24
N ARG A 62 30.24 -5.22 5.12
CA ARG A 62 30.03 -4.32 6.24
C ARG A 62 29.11 -4.91 7.29
N MSE A 63 28.15 -5.73 6.84
CA MSE A 63 27.13 -6.28 7.73
C MSE A 63 26.31 -7.36 7.03
O MSE A 63 26.01 -7.24 5.85
CB MSE A 63 26.20 -5.16 8.21
CG MSE A 63 25.14 -5.58 9.20
SE MSE A 63 24.24 -4.04 10.01
CE MSE A 63 22.62 -4.93 10.60
H MSE A 63 28.08 -5.98 6.03
HA MSE A 63 27.57 -6.67 8.51
HB2 MSE A 63 26.75 -4.48 8.64
HB3 MSE A 63 25.75 -4.78 7.45
HG2 MSE A 63 24.48 -6.12 8.75
HG3 MSE A 63 25.56 -6.10 9.91
HE1 MSE A 63 22.04 -4.30 11.02
HE2 MSE A 63 22.17 -5.32 9.84
HE3 MSE A 63 22.85 -5.63 11.22
N GLN A 64 25.99 -8.42 7.75
CA GLN A 64 25.08 -9.45 7.25
C GLN A 64 24.06 -9.84 8.30
N ILE A 65 22.82 -10.03 7.85
CA ILE A 65 21.74 -10.49 8.72
C ILE A 65 21.36 -11.92 8.38
N GLU A 66 21.51 -12.83 9.35
CA GLU A 66 21.08 -14.22 9.17
C GLU A 66 19.65 -14.39 9.67
N LEU A 67 18.77 -14.88 8.79
CA LEU A 67 17.36 -15.00 9.10
C LEU A 67 16.98 -16.41 9.50
N TYR A 68 16.35 -16.51 10.66
CA TYR A 68 15.87 -17.77 11.19
C TYR A 68 14.36 -17.70 11.28
N SER A 69 13.69 -18.83 11.05
CA SER A 69 12.25 -18.90 11.00
C SER A 69 11.62 -19.34 12.33
N ALA A 70 10.30 -19.58 12.34
CA ALA A 70 9.53 -19.81 13.57
C ALA A 70 10.17 -20.76 14.56
N ASP A 71 10.36 -20.28 15.77
CA ASP A 71 10.82 -21.11 16.88
C ASP A 71 12.19 -21.76 16.68
N GLN A 72 12.99 -21.28 15.73
CA GLN A 72 14.29 -21.91 15.42
C GLN A 72 15.39 -21.67 16.48
N LEU A 73 15.69 -20.43 16.80
CA LEU A 73 16.75 -20.16 17.78
C LEU A 73 16.22 -20.28 19.21
N VAL A 74 15.03 -19.74 19.45
CA VAL A 74 14.37 -19.86 20.74
C VAL A 74 12.86 -20.02 20.55
N PRO A 75 12.18 -20.61 21.54
CA PRO A 75 10.74 -20.76 21.49
C PRO A 75 10.06 -19.41 21.51
N THR A 76 8.81 -19.39 21.07
CA THR A 76 8.02 -18.15 21.03
C THR A 76 7.93 -17.48 22.40
N GLY A 77 7.71 -18.27 23.46
CA GLY A 77 7.59 -17.72 24.79
C GLY A 77 8.83 -16.97 25.21
N GLU A 78 9.95 -17.23 24.54
CA GLU A 78 11.22 -16.64 24.91
C GLU A 78 11.71 -15.58 23.92
N LEU A 79 10.98 -15.41 22.80
CA LEU A 79 11.44 -14.56 21.71
C LEU A 79 11.75 -13.13 22.16
N PHE A 80 10.83 -12.51 22.88
CA PHE A 80 11.05 -11.14 23.32
C PHE A 80 12.23 -11.02 24.28
N ARG A 81 12.30 -11.90 25.27
CA ARG A 81 13.37 -11.86 26.26
C ARG A 81 14.73 -12.13 25.61
N ALA A 82 14.75 -12.99 24.60
CA ALA A 82 15.99 -13.31 23.92
C ALA A 82 16.55 -12.08 23.21
N MSE A 83 15.67 -11.31 22.57
CA MSE A 83 16.08 -10.07 21.93
C MSE A 83 16.50 -9.01 22.96
O MSE A 83 17.53 -8.35 22.81
CB MSE A 83 14.97 -9.52 21.04
CG MSE A 83 15.29 -8.14 20.56
SE MSE A 83 14.02 -7.41 19.26
CE MSE A 83 12.39 -7.70 20.30
H MSE A 83 14.83 -11.49 22.50
HA MSE A 83 16.85 -10.26 21.36
HB2 MSE A 83 14.86 -10.09 20.28
HB3 MSE A 83 14.15 -9.47 21.56
HG2 MSE A 83 15.31 -7.53 21.31
HG3 MSE A 83 16.16 -8.16 20.13
HE1 MSE A 83 11.64 -7.38 19.78
HE2 MSE A 83 12.29 -8.63 20.47
HE3 MSE A 83 12.46 -7.21 21.12
N GLN A 84 15.72 -8.86 24.02
CA GLN A 84 15.99 -7.88 25.06
C GLN A 84 17.37 -8.06 25.71
N ARG A 85 17.76 -9.32 25.91
CA ARG A 85 19.03 -9.61 26.56
C ARG A 85 20.18 -9.76 25.54
N GLY A 86 19.84 -9.78 24.25
CA GLY A 86 20.86 -9.71 23.22
C GLY A 86 21.29 -11.03 22.62
N THR A 87 20.63 -12.12 23.02
CA THR A 87 20.88 -13.42 22.39
C THR A 87 20.54 -13.37 20.90
N ILE A 88 19.45 -12.71 20.57
CA ILE A 88 19.05 -12.50 19.19
C ILE A 88 19.01 -10.99 18.96
N ASP A 89 19.49 -10.55 17.80
CA ASP A 89 19.67 -9.13 17.54
C ASP A 89 18.41 -8.42 17.09
N ALA A 90 17.55 -9.12 16.34
CA ALA A 90 16.36 -8.51 15.77
C ALA A 90 15.25 -9.54 15.60
N VAL A 91 14.03 -9.02 15.50
CA VAL A 91 12.85 -9.86 15.44
C VAL A 91 11.85 -9.26 14.50
N GLN A 92 11.22 -10.11 13.71
CA GLN A 92 10.06 -9.70 12.94
C GLN A 92 8.88 -10.45 13.53
N SER A 93 7.94 -9.72 14.10
CA SER A 93 6.83 -10.34 14.81
C SER A 93 5.71 -9.37 15.14
N ASP A 94 4.53 -9.91 15.37
CA ASP A 94 3.48 -9.12 15.98
C ASP A 94 3.76 -9.08 17.49
N ASP A 95 3.09 -8.17 18.20
CA ASP A 95 3.26 -8.02 19.65
C ASP A 95 2.59 -9.12 20.43
N ASP A 96 1.43 -9.55 19.90
CA ASP A 96 0.48 -10.38 20.62
C ASP A 96 1.01 -11.80 20.79
N SER A 97 1.46 -12.47 19.73
CA SER A 97 1.99 -13.84 19.92
C SER A 97 3.26 -13.85 20.77
N MSE A 98 4.01 -12.75 20.73
CA MSE A 98 5.28 -12.63 21.45
C MSE A 98 5.04 -12.37 22.93
O MSE A 98 5.95 -12.51 23.75
CB MSE A 98 6.09 -11.50 20.81
CG MSE A 98 7.36 -11.10 21.49
SE MSE A 98 8.46 -10.21 20.17
CE MSE A 98 7.47 -8.54 19.98
H MSE A 98 3.81 -12.05 20.28
HA MSE A 98 5.79 -13.47 21.35
HB2 MSE A 98 6.33 -11.77 19.91
HB3 MSE A 98 5.53 -10.71 20.77
HG2 MSE A 98 7.16 -10.47 22.22
HG3 MSE A 98 7.83 -11.88 21.82
HE1 MSE A 98 7.91 -7.98 19.34
HE2 MSE A 98 6.57 -8.72 19.69
HE3 MSE A 98 7.45 -8.09 20.83
N ALA A 99 3.82 -11.96 23.27
CA ALA A 99 3.48 -11.57 24.64
C ALA A 99 4.48 -10.55 25.19
N SER A 100 4.77 -9.51 24.42
CA SER A 100 5.74 -8.53 24.88
C SER A 100 5.19 -7.82 26.13
N PRO A 101 6.10 -7.44 27.05
CA PRO A 101 5.65 -6.78 28.29
C PRO A 101 5.42 -5.28 28.07
N THR A 102 4.38 -4.96 27.29
CA THR A 102 4.04 -3.56 26.96
C THR A 102 2.53 -3.41 27.04
N GLU A 103 2.06 -2.16 27.05
CA GLU A 103 0.62 -1.88 27.05
C GLU A 103 -0.01 -1.98 25.67
N VAL A 104 0.77 -2.23 24.63
CA VAL A 104 0.20 -2.26 23.29
C VAL A 104 0.15 -3.66 22.70
N THR A 105 0.54 -4.66 23.48
CA THR A 105 0.57 -6.03 23.00
C THR A 105 -0.74 -6.50 22.40
N VAL A 106 -1.86 -6.10 22.99
CA VAL A 106 -3.15 -6.59 22.54
C VAL A 106 -3.64 -6.00 21.23
N PHE A 107 -2.92 -5.00 20.71
CA PHE A 107 -3.30 -4.35 19.44
C PHE A 107 -2.53 -4.92 18.24
N GLY A 108 -1.44 -5.65 18.51
CA GLY A 108 -0.69 -6.36 17.48
C GLY A 108 -1.45 -7.60 17.03
N GLY A 109 -1.03 -8.17 15.90
CA GLY A 109 -1.74 -9.32 15.36
C GLY A 109 -3.08 -8.88 14.78
N TYR A 110 -4.17 -9.52 15.23
CA TYR A 110 -5.53 -9.25 14.72
C TYR A 110 -6.47 -8.59 15.75
N PHE A 111 -6.35 -7.28 15.92
CA PHE A 111 -7.21 -6.54 16.83
C PHE A 111 -8.58 -6.51 16.17
N PRO A 112 -9.58 -7.18 16.76
CA PRO A 112 -10.81 -7.43 15.98
C PRO A 112 -11.47 -6.17 15.37
N PHE A 113 -11.63 -6.21 14.05
CA PHE A 113 -12.28 -5.13 13.27
C PHE A 113 -11.60 -3.76 13.38
N GLY A 114 -10.31 -3.77 13.71
CA GLY A 114 -9.52 -2.56 13.82
C GLY A 114 -9.29 -1.87 12.50
N CYS A 115 -8.81 -2.61 11.50
CA CYS A 115 -8.45 -2.05 10.21
C CYS A 115 -9.17 -2.80 9.10
N ARG A 116 -10.01 -2.09 8.38
CA ARG A 116 -10.67 -2.63 7.22
C ARG A 116 -9.69 -2.91 6.06
N TYR A 117 -8.66 -2.06 5.94
CA TYR A 117 -7.71 -2.05 4.80
C TYR A 117 -6.28 -2.07 5.30
N SER A 118 -5.44 -2.77 4.57
CA SER A 118 -4.02 -2.85 4.89
C SER A 118 -3.35 -1.50 5.01
N LEU A 119 -3.68 -0.51 4.15
CA LEU A 119 -3.01 0.77 4.25
C LEU A 119 -3.37 1.54 5.50
N ASP A 120 -4.41 1.10 6.22
CA ASP A 120 -4.75 1.71 7.50
C ASP A 120 -3.60 1.60 8.50
N VAL A 121 -2.81 0.54 8.39
CA VAL A 121 -1.74 0.33 9.35
C VAL A 121 -0.65 1.40 9.25
N PRO A 122 -0.02 1.57 8.08
CA PRO A 122 1.01 2.62 8.07
C PRO A 122 0.42 4.01 8.25
N VAL A 123 -0.83 4.23 7.87
CA VAL A 123 -1.46 5.52 8.13
C VAL A 123 -1.65 5.73 9.66
N LEU A 124 -2.19 4.75 10.38
CA LEU A 124 -2.35 4.87 11.83
C LEU A 124 -1.00 5.14 12.53
N PHE A 125 0.03 4.39 12.16
CA PHE A 125 1.34 4.59 12.75
C PHE A 125 2.01 5.92 12.41
N ASN A 126 2.02 6.29 11.12
CA ASN A 126 2.74 7.49 10.69
C ASN A 126 1.98 8.82 10.87
N GLN A 127 0.66 8.76 10.93
CA GLN A 127 -0.14 9.97 10.92
C GLN A 127 -1.10 10.12 12.10
N TYR A 128 -1.38 9.04 12.83
CA TYR A 128 -2.32 9.11 13.94
C TYR A 128 -1.65 8.81 15.29
N GLY A 129 -0.32 8.75 15.32
CA GLY A 129 0.41 8.74 16.58
C GLY A 129 0.84 7.38 17.08
N LEU A 130 0.49 6.30 16.38
CA LEU A 130 0.80 4.98 16.93
C LEU A 130 2.31 4.69 16.97
N LYS A 131 3.07 5.24 16.03
CA LYS A 131 4.52 5.01 15.99
C LYS A 131 5.20 5.48 17.27
N GLU A 132 4.82 6.67 17.72
CA GLU A 132 5.42 7.26 18.91
C GLU A 132 5.05 6.47 20.15
N ILE A 133 3.82 5.99 20.22
CA ILE A 133 3.40 5.16 21.34
C ILE A 133 4.17 3.85 21.39
N TRP A 134 4.30 3.18 20.25
CA TRP A 134 5.06 1.94 20.18
C TRP A 134 6.54 2.17 20.50
N GLU A 135 7.13 3.24 19.95
CA GLU A 135 8.53 3.53 20.26
C GLU A 135 8.78 3.64 21.76
N GLU A 136 7.96 4.44 22.43
CA GLU A 136 8.06 4.63 23.88
C GLU A 136 7.90 3.33 24.68
N GLU A 137 6.85 2.57 24.37
CA GLU A 137 6.55 1.34 25.06
C GLU A 137 7.70 0.34 24.98
N TYR A 138 8.27 0.17 23.79
CA TYR A 138 9.37 -0.77 23.58
C TYR A 138 10.70 -0.26 24.12
N ALA A 139 10.94 1.04 24.08
CA ALA A 139 12.19 1.59 24.60
C ALA A 139 12.25 1.45 26.11
N LYS A 140 11.11 1.56 26.78
CA LYS A 140 11.03 1.36 28.23
C LYS A 140 11.58 -0.03 28.59
N VAL A 141 11.52 -0.96 27.64
CA VAL A 141 11.95 -2.32 27.86
C VAL A 141 13.16 -2.74 27.01
N GLY A 142 13.95 -1.75 26.58
CA GLY A 142 15.24 -2.01 25.96
C GLY A 142 15.17 -2.48 24.51
N VAL A 143 14.10 -2.12 23.79
CA VAL A 143 13.94 -2.60 22.43
C VAL A 143 13.59 -1.44 21.52
N LYS A 144 14.21 -1.39 20.35
CA LYS A 144 13.87 -0.40 19.33
C LYS A 144 12.75 -0.91 18.43
N HIS A 145 11.62 -0.21 18.44
CA HIS A 145 10.60 -0.41 17.41
C HIS A 145 11.07 0.27 16.12
N VAL A 146 11.35 -0.50 15.09
CA VAL A 146 11.85 0.09 13.84
C VAL A 146 10.71 0.56 12.95
N SER A 147 9.81 -0.37 12.59
CA SER A 147 8.65 -0.01 11.76
C SER A 147 7.57 -1.05 11.83
N ALA A 148 6.34 -0.56 11.84
CA ALA A 148 5.14 -1.39 11.75
C ALA A 148 4.72 -1.57 10.31
N GLY A 149 3.98 -2.64 10.04
CA GLY A 149 3.42 -2.89 8.73
C GLY A 149 2.23 -3.82 8.80
N ALA A 150 1.50 -3.86 7.68
CA ALA A 150 0.34 -4.75 7.50
C ALA A 150 0.77 -6.06 6.88
N TRP A 151 0.06 -7.11 7.27
CA TRP A 151 0.07 -8.36 6.53
C TRP A 151 -1.37 -8.58 6.00
N ASP A 152 -1.98 -9.75 6.28
CA ASP A 152 -3.20 -10.20 5.60
C ASP A 152 -4.42 -10.06 6.49
N PRO A 153 -5.61 -10.23 5.93
CA PRO A 153 -6.85 -10.34 6.71
C PRO A 153 -6.91 -11.67 7.48
N CYS A 154 -7.77 -11.73 8.50
CA CYS A 154 -7.96 -12.94 9.27
C CYS A 154 -9.25 -13.66 8.87
N HIS A 155 -9.11 -14.83 8.30
CA HIS A 155 -10.24 -15.66 7.92
C HIS A 155 -10.15 -17.09 8.50
N PHE A 156 -11.31 -17.69 8.82
CA PHE A 156 -11.37 -19.11 9.14
C PHE A 156 -11.19 -19.99 7.91
N ALA A 157 -10.27 -20.96 8.02
CA ALA A 157 -10.20 -22.05 7.06
C ALA A 157 -10.26 -23.35 7.86
N THR A 158 -11.17 -24.21 7.44
CA THR A 158 -11.66 -25.29 8.30
C THR A 158 -11.93 -26.60 7.59
N LYS A 159 -11.93 -27.69 8.34
CA LYS A 159 -12.26 -29.00 7.78
C LYS A 159 -13.73 -29.06 7.38
N GLU A 160 -14.59 -28.53 8.26
CA GLU A 160 -16.04 -28.51 8.06
C GLU A 160 -16.55 -27.10 7.73
N PRO A 161 -17.62 -27.00 6.93
CA PRO A 161 -18.09 -25.68 6.49
C PRO A 161 -18.69 -24.85 7.61
N ILE A 162 -18.38 -23.57 7.60
CA ILE A 162 -18.97 -22.62 8.54
C ILE A 162 -19.97 -21.74 7.80
N ARG A 163 -21.25 -21.95 8.08
N ARG A 163 -21.26 -21.95 8.08
CA ARG A 163 -22.30 -21.19 7.42
CA ARG A 163 -22.31 -21.20 7.42
C ARG A 163 -23.19 -20.42 8.40
C ARG A 163 -23.16 -20.39 8.39
N SER A 164 -22.93 -20.57 9.70
CA SER A 164 -23.66 -19.85 10.72
C SER A 164 -22.74 -19.64 11.92
N LEU A 165 -23.09 -18.73 12.82
CA LEU A 165 -22.32 -18.57 14.04
C LEU A 165 -22.31 -19.84 14.92
N LYS A 166 -23.40 -20.60 14.91
CA LYS A 166 -23.43 -21.81 15.72
C LYS A 166 -22.37 -22.81 15.27
N ASP A 167 -21.97 -22.73 14.00
CA ASP A 167 -21.00 -23.67 13.46
C ASP A 167 -19.61 -23.44 14.03
N LEU A 168 -19.38 -22.26 14.61
CA LEU A 168 -18.12 -21.94 15.27
C LEU A 168 -17.97 -22.62 16.63
N GLU A 169 -19.09 -22.92 17.28
CA GLU A 169 -19.07 -23.45 18.65
C GLU A 169 -18.33 -24.77 18.79
N GLY A 170 -17.35 -24.80 19.68
CA GLY A 170 -16.63 -26.02 19.98
C GLY A 170 -15.44 -26.26 19.09
N LYS A 171 -15.30 -25.47 18.03
CA LYS A 171 -14.20 -25.63 17.09
C LYS A 171 -12.84 -25.26 17.70
N ARG A 172 -11.89 -26.15 17.52
CA ARG A 172 -10.52 -25.93 17.98
C ARG A 172 -9.75 -25.32 16.82
N VAL A 173 -9.29 -24.08 17.00
CA VAL A 173 -8.71 -23.33 15.91
C VAL A 173 -7.44 -22.61 16.36
N PHE A 174 -6.46 -22.57 15.47
CA PHE A 174 -5.21 -21.88 15.73
C PHE A 174 -5.37 -20.42 15.32
N THR A 175 -5.12 -19.50 16.25
CA THR A 175 -5.32 -18.08 16.07
C THR A 175 -4.34 -17.32 16.96
N PHE A 176 -4.48 -15.99 17.00
CA PHE A 176 -3.62 -15.16 17.84
C PHE A 176 -4.27 -14.97 19.23
N PRO A 177 -3.47 -14.65 20.26
CA PRO A 177 -4.02 -14.63 21.62
C PRO A 177 -5.24 -13.74 21.84
N THR A 178 -5.14 -12.47 21.43
CA THR A 178 -6.21 -11.52 21.67
C THR A 178 -7.42 -11.83 20.76
N ALA A 179 -7.19 -12.10 19.47
CA ALA A 179 -8.28 -12.56 18.62
C ALA A 179 -8.95 -13.80 19.19
N GLY A 180 -8.18 -14.72 19.75
CA GLY A 180 -8.73 -15.96 20.30
C GLY A 180 -9.61 -15.67 21.50
N ARG A 181 -9.16 -14.77 22.35
CA ARG A 181 -9.95 -14.34 23.49
C ARG A 181 -11.29 -13.76 23.07
N PHE A 182 -11.27 -13.01 21.96
CA PHE A 182 -12.50 -12.44 21.42
C PHE A 182 -13.42 -13.56 20.92
N LEU A 183 -12.83 -14.46 20.15
CA LEU A 183 -13.61 -15.49 19.49
C LEU A 183 -14.22 -16.46 20.48
N SER A 184 -13.61 -16.55 21.66
CA SER A 184 -14.07 -17.47 22.70
C SER A 184 -15.51 -17.15 23.11
N ARG A 185 -15.91 -15.88 22.95
CA ARG A 185 -17.28 -15.47 23.26
C ARG A 185 -18.28 -16.26 22.40
N PHE A 186 -17.80 -16.78 21.27
CA PHE A 186 -18.66 -17.49 20.32
C PHE A 186 -18.45 -19.00 20.37
N GLY A 187 -17.76 -19.45 21.43
CA GLY A 187 -17.54 -20.86 21.64
C GLY A 187 -16.34 -21.46 20.91
N VAL A 188 -15.60 -20.63 20.17
CA VAL A 188 -14.35 -21.12 19.62
C VAL A 188 -13.38 -21.45 20.72
N VAL A 189 -12.65 -22.56 20.57
CA VAL A 189 -11.61 -22.95 21.50
C VAL A 189 -10.25 -22.61 20.85
N PRO A 190 -9.60 -21.52 21.28
CA PRO A 190 -8.28 -21.22 20.71
C PRO A 190 -7.25 -22.23 21.15
N VAL A 191 -6.53 -22.80 20.19
CA VAL A 191 -5.47 -23.76 20.48
C VAL A 191 -4.15 -23.25 19.90
N THR A 192 -3.11 -23.18 20.74
CA THR A 192 -1.79 -22.72 20.32
C THR A 192 -0.85 -23.92 20.13
N LEU A 193 -0.22 -23.94 18.97
CA LEU A 193 0.80 -24.89 18.58
C LEU A 193 1.88 -24.13 17.83
N PRO A 194 3.09 -24.70 17.74
CA PRO A 194 4.12 -24.05 16.92
C PRO A 194 3.70 -24.05 15.45
N TRP A 195 4.04 -23.00 14.71
CA TRP A 195 3.67 -22.90 13.31
C TRP A 195 4.03 -24.10 12.43
N GLU A 196 5.22 -24.69 12.64
CA GLU A 196 5.67 -25.77 11.76
C GLU A 196 4.85 -27.06 11.96
N ASP A 197 4.09 -27.12 13.05
CA ASP A 197 3.26 -28.28 13.36
C ASP A 197 1.82 -28.20 12.85
N ILE A 198 1.39 -27.03 12.40
CA ILE A 198 -0.01 -26.82 12.07
C ILE A 198 -0.49 -27.72 10.93
N GLU A 199 0.35 -27.91 9.91
CA GLU A 199 -0.04 -28.69 8.73
C GLU A 199 -0.48 -30.09 9.13
N VAL A 200 0.36 -30.78 9.89
CA VAL A 200 0.04 -32.13 10.34
C VAL A 200 -1.12 -32.12 11.34
N ALA A 201 -1.18 -31.13 12.23
CA ALA A 201 -2.31 -31.01 13.15
C ALA A 201 -3.63 -30.89 12.40
N LEU A 202 -3.63 -30.18 11.28
CA LEU A 202 -4.85 -30.10 10.45
C LEU A 202 -5.12 -31.48 9.85
N GLN A 203 -4.07 -32.14 9.37
CA GLN A 203 -4.22 -33.44 8.73
C GLN A 203 -4.80 -34.51 9.66
N THR A 204 -4.44 -34.48 10.94
CA THR A 204 -4.91 -35.48 11.89
C THR A 204 -6.23 -35.11 12.55
N GLY A 205 -6.64 -33.85 12.43
CA GLY A 205 -7.84 -33.37 13.11
C GLY A 205 -7.60 -32.90 14.55
N GLU A 206 -6.35 -32.80 14.97
CA GLU A 206 -6.04 -32.18 16.25
C GLU A 206 -6.55 -30.73 16.26
N LEU A 207 -6.45 -30.08 15.10
CA LEU A 207 -7.11 -28.80 14.85
C LEU A 207 -8.34 -28.98 13.93
N ASP A 208 -9.43 -28.29 14.23
CA ASP A 208 -10.57 -28.24 13.32
C ASP A 208 -10.36 -27.19 12.25
N GLY A 209 -9.42 -26.28 12.47
CA GLY A 209 -9.14 -25.28 11.48
C GLY A 209 -8.17 -24.24 11.99
N ILE A 210 -8.06 -23.15 11.25
CA ILE A 210 -7.13 -22.04 11.52
C ILE A 210 -7.89 -20.73 11.34
N ALA A 211 -7.54 -19.73 12.15
CA ALA A 211 -7.96 -18.36 11.96
C ALA A 211 -6.73 -17.51 12.25
N TRP A 212 -5.70 -17.75 11.45
CA TRP A 212 -4.36 -17.21 11.70
C TRP A 212 -3.90 -16.35 10.52
N SER A 213 -4.69 -16.34 9.44
CA SER A 213 -4.23 -15.90 8.12
C SER A 213 -5.36 -15.74 7.15
N GLY A 214 -5.02 -15.17 6.00
CA GLY A 214 -5.91 -15.15 4.85
C GLY A 214 -5.59 -16.24 3.86
N ILE A 215 -6.13 -16.08 2.64
CA ILE A 215 -6.11 -17.12 1.65
C ILE A 215 -4.75 -17.20 0.97
N THR A 216 -4.05 -16.06 0.84
CA THR A 216 -2.74 -16.06 0.22
C THR A 216 -1.79 -17.00 0.98
N GLU A 217 -1.70 -16.83 2.30
CA GLU A 217 -0.85 -17.71 3.08
C GLU A 217 -1.33 -19.16 3.03
N ASP A 218 -2.65 -19.36 3.09
CA ASP A 218 -3.16 -20.73 3.08
C ASP A 218 -2.65 -21.50 1.85
N TYR A 219 -2.75 -20.91 0.66
CA TYR A 219 -2.26 -21.57 -0.56
C TYR A 219 -0.72 -21.67 -0.58
N THR A 220 -0.03 -20.62 -0.16
CA THR A 220 1.40 -20.56 -0.28
C THR A 220 2.11 -21.57 0.61
N VAL A 221 1.63 -21.73 1.84
CA VAL A 221 2.34 -22.56 2.81
C VAL A 221 1.80 -23.98 2.90
N GLY A 222 0.73 -24.28 2.16
CA GLY A 222 0.26 -25.66 2.05
C GLY A 222 -0.91 -26.01 2.94
N TRP A 223 -1.38 -25.03 3.72
CA TRP A 223 -2.50 -25.30 4.61
C TRP A 223 -3.79 -25.55 3.82
N ALA A 224 -3.91 -24.95 2.64
CA ALA A 224 -5.07 -25.18 1.77
C ALA A 224 -5.16 -26.64 1.36
N ASN A 225 -4.04 -27.36 1.38
CA ASN A 225 -4.02 -28.77 1.01
C ASN A 225 -4.64 -29.67 2.08
N VAL A 226 -4.74 -29.17 3.30
CA VAL A 226 -5.17 -29.99 4.43
C VAL A 226 -6.38 -29.40 5.16
N THR A 227 -7.04 -28.44 4.52
CA THR A 227 -8.32 -27.88 4.98
C THR A 227 -9.26 -27.77 3.77
N ASN A 228 -10.55 -27.55 4.01
CA ASN A 228 -11.55 -27.64 2.93
C ASN A 228 -12.33 -26.36 2.60
N TYR A 229 -12.62 -25.55 3.61
CA TYR A 229 -13.53 -24.43 3.46
C TYR A 229 -12.92 -23.12 3.93
N PHE A 230 -13.32 -22.02 3.31
CA PHE A 230 -12.80 -20.67 3.60
C PHE A 230 -14.00 -19.74 3.85
N LEU A 231 -14.09 -19.20 5.05
CA LEU A 231 -15.21 -18.32 5.41
C LEU A 231 -14.90 -16.89 4.98
N THR A 232 -15.79 -16.26 4.20
CA THR A 232 -15.49 -14.96 3.60
C THR A 232 -15.54 -13.79 4.58
N ASN A 233 -16.27 -13.96 5.70
CA ASN A 233 -16.38 -12.91 6.70
C ASN A 233 -15.11 -12.84 7.57
N ASN A 234 -14.31 -11.78 7.42
CA ASN A 234 -13.09 -11.66 8.21
C ASN A 234 -13.37 -11.06 9.61
N ILE A 235 -12.42 -11.19 10.54
CA ILE A 235 -12.52 -10.49 11.82
C ILE A 235 -11.47 -9.39 11.95
N SER A 236 -10.72 -9.17 10.87
CA SER A 236 -9.74 -8.11 10.74
C SER A 236 -9.34 -8.04 9.30
N GLY A 237 -9.20 -6.83 8.81
CA GLY A 237 -8.75 -6.62 7.44
C GLY A 237 -7.24 -6.63 7.27
N ALA A 238 -6.50 -6.55 8.36
CA ALA A 238 -5.05 -6.46 8.29
C ALA A 238 -4.31 -6.74 9.61
N TRP A 239 -3.51 -7.79 9.61
CA TRP A 239 -2.59 -8.09 10.71
C TRP A 239 -1.53 -7.01 10.87
N ILE A 240 -1.20 -6.70 12.12
CA ILE A 240 -0.16 -5.77 12.47
C ILE A 240 1.05 -6.48 13.04
N GLY A 241 2.18 -6.32 12.36
CA GLY A 241 3.47 -6.78 12.81
C GLY A 241 4.54 -5.71 12.62
N HIS A 242 5.75 -6.04 13.07
CA HIS A 242 6.84 -5.06 13.14
C HIS A 242 8.19 -5.70 12.96
N PHE A 243 9.16 -4.85 12.64
CA PHE A 243 10.55 -5.16 12.86
C PHE A 243 11.03 -4.48 14.15
N PHE A 244 11.75 -5.24 14.98
CA PHE A 244 12.29 -4.79 16.25
C PHE A 244 13.80 -5.09 16.30
N VAL A 245 14.57 -4.26 16.99
CA VAL A 245 15.99 -4.53 17.25
C VAL A 245 16.33 -4.28 18.72
N ASN A 246 17.20 -5.13 19.28
CA ASN A 246 17.76 -4.88 20.60
C ASN A 246 18.34 -3.47 20.63
N MSE A 247 18.05 -2.69 21.68
CA MSE A 247 18.37 -1.26 21.64
C MSE A 247 19.89 -1.02 21.56
O MSE A 247 20.33 -0.10 20.87
CB MSE A 247 17.78 -0.52 22.83
CG MSE A 247 18.07 0.99 22.81
SE MSE A 247 17.31 1.93 21.27
CE MSE A 247 15.47 1.98 21.88
H MSE A 247 17.65 -2.95 22.39
HA MSE A 247 17.97 -0.87 20.83
HB2 MSE A 247 16.81 -0.63 22.83
HB3 MSE A 247 18.15 -0.87 23.66
HG2 MSE A 247 17.70 1.39 23.61
HG3 MSE A 247 19.03 1.12 22.79
HE1 MSE A 247 14.93 2.43 21.23
HE2 MSE A 247 15.15 1.08 22.01
HE3 MSE A 247 15.42 2.45 22.72
N GLU A 248 20.68 -1.83 22.27
CA GLU A 248 22.13 -1.67 22.25
C GLU A 248 22.69 -1.94 20.86
N ARG A 249 22.23 -3.01 20.21
CA ARG A 249 22.65 -3.29 18.84
C ARG A 249 22.27 -2.14 17.93
N TRP A 250 21.09 -1.56 18.13
CA TRP A 250 20.63 -0.45 17.29
C TRP A 250 21.55 0.76 17.41
N GLU A 251 21.90 1.10 18.64
CA GLU A 251 22.75 2.26 18.89
C GLU A 251 24.18 2.08 18.39
N GLU A 252 24.61 0.83 18.23
CA GLU A 252 25.94 0.51 17.71
C GLU A 252 26.07 0.66 16.19
N LEU A 253 24.95 0.76 15.49
CA LEU A 253 24.96 0.87 14.03
C LEU A 253 25.49 2.22 13.55
N PRO A 254 26.35 2.19 12.52
CA PRO A 254 26.67 3.44 11.83
C PRO A 254 25.44 3.91 11.09
N GLU A 255 25.39 5.20 10.77
CA GLU A 255 24.17 5.81 10.24
C GLU A 255 23.75 5.19 8.91
N ASP A 256 24.71 4.97 8.01
CA ASP A 256 24.34 4.47 6.70
C ASP A 256 23.71 3.08 6.75
N LEU A 257 24.16 2.24 7.68
CA LEU A 257 23.62 0.90 7.78
C LEU A 257 22.26 0.93 8.50
N ARG A 258 22.11 1.87 9.42
CA ARG A 258 20.82 2.08 10.06
C ARG A 258 19.76 2.47 9.01
N LEU A 259 20.10 3.44 8.17
CA LEU A 259 19.20 3.87 7.14
C LEU A 259 18.94 2.79 6.12
N LEU A 260 19.97 2.00 5.78
CA LEU A 260 19.80 0.91 4.83
C LEU A 260 18.85 -0.14 5.40
N PHE A 261 18.97 -0.45 6.70
CA PHE A 261 18.06 -1.41 7.32
C PHE A 261 16.64 -0.87 7.28
N GLU A 262 16.45 0.37 7.67
CA GLU A 262 15.11 0.95 7.70
C GLU A 262 14.48 0.89 6.31
N VAL A 263 15.24 1.23 5.27
N VAL A 263 15.24 1.23 5.27
CA VAL A 263 14.70 1.25 3.91
CA VAL A 263 14.67 1.25 3.94
C VAL A 263 14.34 -0.15 3.41
C VAL A 263 14.30 -0.16 3.46
N CYS A 264 15.16 -1.12 3.75
CA CYS A 264 14.89 -2.51 3.36
C CYS A 264 13.64 -3.03 4.09
N CYS A 265 13.47 -2.65 5.35
CA CYS A 265 12.26 -3.01 6.07
C CYS A 265 11.02 -2.38 5.44
N GLU A 266 11.10 -1.15 4.98
CA GLU A 266 9.95 -0.53 4.28
C GLU A 266 9.68 -1.24 2.96
N GLN A 267 10.73 -1.66 2.28
CA GLN A 267 10.56 -2.44 1.05
C GLN A 267 9.84 -3.75 1.36
N SER A 268 10.16 -4.36 2.49
CA SER A 268 9.49 -5.60 2.91
C SER A 268 8.01 -5.34 3.16
N HIS A 269 7.71 -4.22 3.78
CA HIS A 269 6.32 -3.86 4.03
C HIS A 269 5.60 -3.59 2.71
N TYR A 270 6.23 -2.86 1.80
CA TYR A 270 5.63 -2.54 0.51
C TYR A 270 5.32 -3.82 -0.24
N HIS A 271 6.27 -4.72 -0.30
CA HIS A 271 6.05 -5.98 -0.98
C HIS A 271 4.84 -6.70 -0.42
N ARG A 272 4.70 -6.78 0.90
CA ARG A 272 3.52 -7.40 1.49
C ARG A 272 2.21 -6.69 1.13
N GLN A 273 2.23 -5.37 1.05
CA GLN A 273 1.03 -4.60 0.68
C GLN A 273 0.48 -5.10 -0.66
N TYR A 274 1.34 -5.22 -1.68
CA TYR A 274 0.81 -5.67 -2.96
C TYR A 274 0.73 -7.19 -3.11
N TRP A 275 1.51 -7.95 -2.35
CA TRP A 275 1.43 -9.41 -2.39
C TRP A 275 0.06 -9.86 -1.89
N TYR A 276 -0.38 -9.30 -0.77
CA TYR A 276 -1.68 -9.63 -0.24
C TYR A 276 -2.84 -9.00 -1.01
N TRP A 277 -2.71 -7.76 -1.43
CA TRP A 277 -3.80 -7.13 -2.18
C TRP A 277 -4.10 -7.95 -3.44
N GLY A 278 -3.05 -8.41 -4.10
CA GLY A 278 -3.24 -9.23 -5.28
C GLY A 278 -3.66 -10.66 -4.97
N GLY A 279 -3.02 -11.27 -3.99
CA GLY A 279 -3.27 -12.68 -3.70
C GLY A 279 -4.67 -12.96 -3.19
N GLU A 280 -5.21 -12.10 -2.33
CA GLU A 280 -6.50 -12.44 -1.74
C GLU A 280 -7.59 -12.48 -2.81
N ALA A 281 -7.62 -11.49 -3.68
CA ALA A 281 -8.65 -11.41 -4.70
C ALA A 281 -8.47 -12.55 -5.68
N ARG A 282 -7.25 -12.77 -6.14
CA ARG A 282 -7.01 -13.76 -7.18
C ARG A 282 -7.41 -15.15 -6.73
N LEU A 283 -7.00 -15.52 -5.52
CA LEU A 283 -7.25 -16.89 -5.03
C LEU A 283 -8.71 -17.13 -4.64
N ARG A 284 -9.38 -16.10 -4.11
CA ARG A 284 -10.81 -16.24 -3.90
C ARG A 284 -11.54 -16.56 -5.19
N VAL A 285 -11.17 -15.90 -6.27
CA VAL A 285 -11.89 -16.04 -7.52
C VAL A 285 -11.45 -17.30 -8.27
N HIS A 286 -10.15 -17.61 -8.25
CA HIS A 286 -9.60 -18.65 -9.13
C HIS A 286 -9.04 -19.90 -8.46
N GLY A 287 -8.83 -19.84 -7.15
CA GLY A 287 -8.36 -21.00 -6.42
C GLY A 287 -9.35 -22.15 -6.36
N ASP A 288 -8.82 -23.38 -6.25
CA ASP A 288 -9.64 -24.58 -6.35
C ASP A 288 -9.38 -25.56 -5.21
N LYS A 289 -8.65 -25.12 -4.19
CA LYS A 289 -8.29 -25.96 -3.07
C LYS A 289 -9.16 -25.70 -1.81
N LEU A 290 -9.85 -24.57 -1.80
CA LEU A 290 -10.74 -24.20 -0.70
C LEU A 290 -12.08 -23.74 -1.26
N GLU A 291 -13.16 -24.26 -0.71
CA GLU A 291 -14.51 -23.85 -1.13
C GLU A 291 -14.99 -22.73 -0.21
N LEU A 292 -15.49 -21.64 -0.79
CA LEU A 292 -15.87 -20.47 -0.03
C LEU A 292 -17.25 -20.65 0.60
N THR A 293 -17.40 -20.17 1.83
CA THR A 293 -18.71 -20.06 2.48
C THR A 293 -18.87 -18.65 3.02
N SER A 294 -20.10 -18.30 3.41
CA SER A 294 -20.42 -16.98 3.94
C SER A 294 -21.52 -17.05 4.97
N ILE A 295 -21.36 -16.27 6.03
CA ILE A 295 -22.41 -16.08 7.02
C ILE A 295 -23.16 -14.80 6.63
N PRO A 296 -24.51 -14.86 6.66
CA PRO A 296 -25.24 -13.65 6.23
C PRO A 296 -24.86 -12.44 7.07
N ASP A 297 -24.87 -11.27 6.44
CA ASP A 297 -24.44 -10.05 7.10
C ASP A 297 -25.23 -9.79 8.37
N ALA A 298 -26.54 -9.98 8.30
CA ALA A 298 -27.42 -9.69 9.42
C ALA A 298 -27.02 -10.50 10.66
N GLU A 299 -26.48 -11.68 10.42
CA GLU A 299 -26.06 -12.56 11.50
C GLU A 299 -24.67 -12.15 12.00
N TRP A 300 -23.81 -11.78 11.07
CA TRP A 300 -22.43 -11.42 11.39
C TRP A 300 -22.37 -10.14 12.21
N ASP A 301 -23.38 -9.29 12.05
CA ASP A 301 -23.47 -8.05 12.80
C ASP A 301 -23.36 -8.27 14.32
N GLN A 302 -23.73 -9.44 14.80
N GLN A 302 -23.73 -9.45 14.78
CA GLN A 302 -23.60 -9.74 16.22
CA GLN A 302 -23.60 -9.77 16.20
C GLN A 302 -22.13 -9.83 16.60
C GLN A 302 -22.12 -9.82 16.58
N VAL A 303 -21.30 -10.27 15.65
CA VAL A 303 -19.86 -10.36 15.90
C VAL A 303 -19.26 -8.96 15.96
N GLU A 304 -19.70 -8.05 15.07
CA GLU A 304 -19.23 -6.67 15.10
C GLU A 304 -19.65 -5.96 16.39
N THR A 305 -20.90 -6.14 16.77
CA THR A 305 -21.39 -5.58 18.03
C THR A 305 -20.50 -6.05 19.17
N ALA A 306 -20.28 -7.37 19.26
CA ALA A 306 -19.45 -7.92 20.33
C ALA A 306 -18.06 -7.29 20.32
N ALA A 307 -17.55 -6.97 19.15
CA ALA A 307 -16.20 -6.43 19.05
C ALA A 307 -16.10 -5.06 19.70
N GLN A 308 -17.11 -4.23 19.61
CA GLN A 308 -16.98 -2.91 20.18
C GLN A 308 -17.05 -2.99 21.73
N GLU A 309 -17.78 -3.98 22.26
CA GLU A 309 -17.72 -4.24 23.69
C GLU A 309 -16.33 -4.71 24.10
N PHE A 310 -15.72 -5.55 23.27
CA PHE A 310 -14.36 -6.03 23.51
C PHE A 310 -13.36 -4.87 23.53
N TRP A 311 -13.47 -3.94 22.59
CA TRP A 311 -12.61 -2.76 22.62
C TRP A 311 -12.79 -2.01 23.95
N ASP A 312 -14.02 -1.86 24.41
CA ASP A 312 -14.26 -1.13 25.66
C ASP A 312 -13.59 -1.86 26.82
N GLU A 313 -13.62 -3.20 26.80
CA GLU A 313 -13.02 -3.96 27.90
C GLU A 313 -11.53 -3.71 27.91
N ILE A 314 -10.94 -3.57 26.71
CA ILE A 314 -9.52 -3.34 26.63
C ILE A 314 -9.17 -1.96 27.13
N ALA A 315 -10.02 -0.99 26.82
CA ALA A 315 -9.78 0.42 27.19
C ALA A 315 -9.83 0.59 28.70
N ALA A 316 -10.59 -0.27 29.35
CA ALA A 316 -10.76 -0.24 30.80
C ALA A 316 -9.44 -0.54 31.52
N GLN A 317 -8.52 -1.21 30.83
CA GLN A 317 -7.38 -1.85 31.49
C GLN A 317 -6.17 -0.93 31.76
N SER A 318 -5.98 0.12 30.94
CA SER A 318 -4.95 1.11 31.26
C SER A 318 -5.18 2.38 30.45
N GLU A 319 -4.51 3.46 30.83
CA GLU A 319 -4.61 4.73 30.10
C GLU A 319 -4.12 4.62 28.67
N THR A 320 -3.03 3.88 28.47
CA THR A 320 -2.47 3.72 27.14
C THR A 320 -3.41 2.92 26.25
N LYS A 321 -3.93 1.82 26.78
CA LYS A 321 -4.94 1.04 26.05
C LYS A 321 -6.17 1.92 25.71
N ALA A 322 -6.63 2.72 26.65
CA ALA A 322 -7.77 3.60 26.36
C ALA A 322 -7.44 4.59 25.25
N LYS A 323 -6.23 5.15 25.30
CA LYS A 323 -5.79 6.10 24.28
C LYS A 323 -5.76 5.46 22.88
N VAL A 324 -5.21 4.26 22.78
CA VAL A 324 -5.10 3.56 21.51
C VAL A 324 -6.48 3.14 21.01
N VAL A 325 -7.35 2.68 21.90
CA VAL A 325 -8.70 2.33 21.47
C VAL A 325 -9.43 3.54 20.91
N GLU A 326 -9.31 4.69 21.57
CA GLU A 326 -9.95 5.91 21.08
C GLU A 326 -9.42 6.31 19.70
N ILE A 327 -8.14 6.11 19.45
CA ILE A 327 -7.57 6.39 18.12
C ILE A 327 -8.22 5.45 17.08
N PHE A 328 -8.34 4.18 17.38
CA PHE A 328 -9.01 3.26 16.46
C PHE A 328 -10.46 3.70 16.21
N LYS A 329 -11.15 4.15 17.25
CA LYS A 329 -12.53 4.57 17.11
C LYS A 329 -12.68 5.82 16.23
N GLN A 330 -11.84 6.83 16.47
CA GLN A 330 -11.94 8.07 15.73
C GLN A 330 -11.57 7.82 14.29
N TYR A 331 -10.56 6.97 14.07
CA TYR A 331 -10.13 6.67 12.70
C TYR A 331 -11.30 6.03 11.93
N ASN A 332 -11.91 4.99 12.50
CA ASN A 332 -12.98 4.27 11.82
C ASN A 332 -14.23 5.14 11.62
N ALA A 333 -14.51 6.03 12.56
CA ALA A 333 -15.61 6.98 12.44
C ALA A 333 -15.30 7.94 11.29
N ASP A 334 -14.04 8.38 11.18
CA ASP A 334 -13.68 9.29 10.10
C ASP A 334 -13.73 8.60 8.72
N MSE A 335 -13.42 7.30 8.66
CA MSE A 335 -13.52 6.59 7.37
C MSE A 335 -14.98 6.62 6.86
O MSE A 335 -15.23 6.76 5.66
CB MSE A 335 -13.07 5.14 7.53
CG MSE A 335 -11.58 4.98 7.84
SE MSE A 335 -10.40 5.87 6.58
CE MSE A 335 -9.71 7.26 7.73
H MSE A 335 -13.15 6.82 9.31
HA MSE A 335 -12.94 7.02 6.71
HB2 MSE A 335 -13.57 4.73 8.24
HB3 MSE A 335 -13.24 4.68 6.70
HG2 MSE A 335 -11.40 5.35 8.72
HG3 MSE A 335 -11.35 4.03 7.84
HE1 MSE A 335 -9.10 7.80 7.24
HE2 MSE A 335 -10.45 7.80 8.04
HE3 MSE A 335 -9.27 6.85 8.48
N ARG A 336 -15.94 6.48 7.77
CA ARG A 336 -17.34 6.51 7.37
C ARG A 336 -17.70 7.90 6.81
N LYS A 337 -17.25 8.97 7.47
CA LYS A 337 -17.50 10.33 7.03
C LYS A 337 -16.82 10.64 5.68
N ALA A 338 -15.65 10.06 5.46
CA ALA A 338 -14.90 10.32 4.23
C ALA A 338 -15.58 9.72 2.99
N GLY A 339 -16.15 8.53 3.14
CA GLY A 339 -16.87 7.88 2.05
C GLY A 339 -15.98 7.06 1.13
N ARG A 340 -16.32 7.03 -0.16
CA ARG A 340 -15.59 6.20 -1.12
C ARG A 340 -14.17 6.66 -1.35
N PRO A 341 -13.22 5.73 -1.54
CA PRO A 341 -13.37 4.27 -1.59
C PRO A 341 -13.10 3.60 -0.22
N TYR A 342 -13.11 4.39 0.86
CA TYR A 342 -12.87 3.88 2.20
C TYR A 342 -14.08 3.11 2.72
N ARG A 343 -15.27 3.70 2.51
CA ARG A 343 -16.54 3.12 2.99
C ARG A 343 -17.63 3.38 1.97
N TYR A 344 -18.54 2.42 1.84
CA TYR A 344 -19.62 2.50 0.86
C TYR A 344 -20.97 2.43 1.57
N ILE B 31 29.98 8.41 -9.32
CA ILE B 31 28.93 8.54 -10.30
C ILE B 31 28.03 9.73 -9.97
N LYS B 32 27.79 10.58 -10.98
CA LYS B 32 26.96 11.76 -10.81
C LYS B 32 25.73 11.67 -11.72
N TRP B 33 24.56 11.63 -11.10
CA TRP B 33 23.30 11.61 -11.85
C TRP B 33 22.48 12.86 -11.57
N ARG B 34 21.74 13.28 -12.59
CA ARG B 34 20.71 14.29 -12.43
C ARG B 34 19.37 13.62 -12.73
N MSE B 35 18.45 13.74 -11.78
CA MSE B 35 17.07 13.31 -11.97
C MSE B 35 16.16 14.52 -12.08
O MSE B 35 16.26 15.45 -11.28
CB MSE B 35 16.61 12.43 -10.82
CG MSE B 35 15.12 12.00 -10.89
SE MSE B 35 14.49 10.97 -9.40
CE MSE B 35 15.30 9.34 -9.91
H MSE B 35 18.60 14.09 -11.00
HA MSE B 35 17.02 12.79 -12.79
HB2 MSE B 35 17.14 11.62 -10.80
HB3 MSE B 35 16.73 12.92 -9.98
HG2 MSE B 35 14.57 12.79 -10.96
HG3 MSE B 35 15.00 11.46 -11.69
HE1 MSE B 35 15.10 8.67 -9.26
HE2 MSE B 35 14.97 9.09 -10.77
HE3 MSE B 35 16.25 9.48 -9.96
N GLN B 36 15.25 14.51 -13.07
CA GLN B 36 14.19 15.52 -13.07
C GLN B 36 12.83 14.87 -12.83
N THR B 37 12.08 15.39 -11.86
CA THR B 37 10.71 14.92 -11.62
C THR B 37 9.67 15.84 -12.30
N TYR B 38 8.55 15.23 -12.72
CA TYR B 38 7.32 15.90 -13.15
C TYR B 38 6.80 16.87 -12.03
N ALA B 39 7.10 16.58 -10.77
CA ALA B 39 6.51 17.34 -9.67
C ALA B 39 7.11 18.73 -9.52
N GLY B 40 6.26 19.73 -9.26
CA GLY B 40 6.75 21.04 -8.86
C GLY B 40 7.50 20.96 -7.56
N ALA B 41 8.25 22.01 -7.24
CA ALA B 41 9.11 21.98 -6.06
C ALA B 41 8.37 21.64 -4.76
N ALA B 42 7.23 22.27 -4.49
CA ALA B 42 6.49 22.01 -3.25
C ALA B 42 5.96 20.58 -3.18
N LEU B 43 5.64 20.00 -4.33
CA LEU B 43 5.20 18.61 -4.37
C LEU B 43 6.37 17.63 -4.29
N ALA B 44 7.49 17.99 -4.92
CA ALA B 44 8.64 17.08 -4.96
C ALA B 44 9.18 16.81 -3.54
N GLU B 45 8.98 17.74 -2.63
CA GLU B 45 9.38 17.58 -1.26
C GLU B 45 8.75 16.33 -0.61
N HIS B 46 7.61 15.90 -1.15
CA HIS B 46 6.88 14.78 -0.59
C HIS B 46 6.97 13.51 -1.42
N VAL B 47 7.10 13.66 -2.75
CA VAL B 47 6.96 12.50 -3.65
C VAL B 47 8.26 11.94 -4.25
N ALA B 48 9.37 12.65 -4.05
CA ALA B 48 10.68 12.20 -4.57
C ALA B 48 11.86 12.51 -3.62
N LYS B 49 11.85 13.69 -3.03
CA LYS B 49 13.02 14.16 -2.27
C LYS B 49 13.39 13.22 -1.10
N PRO B 50 12.40 12.75 -0.33
CA PRO B 50 12.87 11.97 0.82
C PRO B 50 13.68 10.73 0.41
N ALA B 51 13.21 10.01 -0.60
CA ALA B 51 13.92 8.82 -1.05
C ALA B 51 15.25 9.11 -1.74
N ILE B 52 15.31 10.20 -2.51
CA ILE B 52 16.60 10.57 -3.09
C ILE B 52 17.59 11.00 -2.01
N ASP B 53 17.13 11.71 -0.99
CA ASP B 53 18.02 12.10 0.11
C ASP B 53 18.52 10.84 0.85
N LEU B 54 17.63 9.86 1.05
CA LEU B 54 18.06 8.62 1.71
C LEU B 54 19.11 7.92 0.85
N PHE B 55 18.85 7.82 -0.45
CA PHE B 55 19.80 7.20 -1.37
C PHE B 55 21.18 7.86 -1.24
N ASN B 56 21.18 9.19 -1.26
CA ASN B 56 22.42 9.94 -1.18
C ASN B 56 23.17 9.75 0.14
N ARG B 57 22.43 9.65 1.24
CA ARG B 57 23.08 9.43 2.53
C ARG B 57 23.70 8.03 2.62
N ILE B 58 23.04 7.05 2.03
CA ILE B 58 23.54 5.69 2.05
C ILE B 58 24.71 5.50 1.06
N ALA B 59 24.55 6.02 -0.15
CA ALA B 59 25.56 5.86 -1.20
C ALA B 59 26.86 6.65 -0.95
N GLY B 60 26.74 7.84 -0.37
CA GLY B 60 27.93 8.63 -0.06
C GLY B 60 28.76 8.94 -1.29
N ASP B 61 30.08 8.84 -1.15
CA ASP B 61 31.00 9.24 -2.23
C ASP B 61 30.93 8.33 -3.46
N ARG B 62 30.29 7.18 -3.33
CA ARG B 62 30.13 6.26 -4.45
C ARG B 62 29.32 6.89 -5.58
N MSE B 63 28.28 7.64 -5.20
CA MSE B 63 27.30 8.13 -6.18
C MSE B 63 26.35 9.12 -5.55
O MSE B 63 25.92 8.94 -4.41
CB MSE B 63 26.50 6.94 -6.72
CG MSE B 63 25.42 7.29 -7.72
SE MSE B 63 24.65 5.70 -8.53
CE MSE B 63 23.00 6.50 -9.20
H MSE B 63 28.13 7.89 -4.40
HA MSE B 63 27.78 8.56 -6.93
HB2 MSE B 63 27.12 6.33 -7.16
HB3 MSE B 63 26.08 6.49 -5.97
HG2 MSE B 63 24.72 7.78 -7.26
HG3 MSE B 63 25.81 7.84 -8.43
HE1 MSE B 63 22.49 5.82 -9.65
HE2 MSE B 63 22.51 6.85 -8.46
HE3 MSE B 63 23.23 7.20 -9.82
N GLN B 64 26.01 10.18 -6.29
CA GLN B 64 25.03 11.16 -5.82
C GLN B 64 24.04 11.49 -6.92
N ILE B 65 22.79 11.71 -6.52
CA ILE B 65 21.71 12.08 -7.44
C ILE B 65 21.22 13.48 -7.09
N GLU B 66 21.32 14.41 -8.03
CA GLU B 66 20.84 15.76 -7.86
C GLU B 66 19.41 15.76 -8.38
N LEU B 67 18.47 16.23 -7.56
CA LEU B 67 17.05 16.24 -7.94
C LEU B 67 16.57 17.63 -8.37
N TYR B 68 16.01 17.67 -9.56
CA TYR B 68 15.42 18.88 -10.15
C TYR B 68 13.90 18.71 -10.29
N SER B 69 13.16 19.80 -10.13
CA SER B 69 11.71 19.74 -10.15
C SER B 69 11.15 20.15 -11.50
N ALA B 70 9.83 20.30 -11.56
CA ALA B 70 9.14 20.46 -12.82
C ALA B 70 9.79 21.49 -13.75
N ASP B 71 10.10 21.06 -14.96
CA ASP B 71 10.57 21.95 -16.02
C ASP B 71 11.88 22.70 -15.70
N GLN B 72 12.63 22.25 -14.70
CA GLN B 72 13.79 23.02 -14.22
C GLN B 72 14.99 22.99 -15.17
N LEU B 73 15.43 21.80 -15.57
CA LEU B 73 16.52 21.71 -16.55
C LEU B 73 16.05 21.76 -17.98
N VAL B 74 15.00 21.01 -18.28
CA VAL B 74 14.38 21.07 -19.62
C VAL B 74 12.88 21.09 -19.46
N PRO B 75 12.18 21.70 -20.42
CA PRO B 75 10.72 21.68 -20.37
C PRO B 75 10.13 20.29 -20.51
N THR B 76 8.96 20.09 -19.92
CA THR B 76 8.23 18.82 -20.03
C THR B 76 8.24 18.20 -21.43
N GLY B 77 8.01 19.00 -22.46
CA GLY B 77 7.92 18.44 -23.80
C GLY B 77 9.24 17.96 -24.38
N GLU B 78 10.34 18.27 -23.71
CA GLU B 78 11.67 17.83 -24.13
C GLU B 78 12.24 16.79 -23.16
N LEU B 79 11.51 16.48 -22.10
CA LEU B 79 12.05 15.66 -21.02
C LEU B 79 12.38 14.21 -21.45
N PHE B 80 11.48 13.55 -22.17
CA PHE B 80 11.78 12.20 -22.63
C PHE B 80 13.03 12.16 -23.51
N ARG B 81 13.12 13.06 -24.50
CA ARG B 81 14.28 13.01 -25.41
C ARG B 81 15.57 13.38 -24.69
N ALA B 82 15.46 14.24 -23.68
CA ALA B 82 16.65 14.64 -22.90
C ALA B 82 17.21 13.46 -22.12
N MSE B 83 16.31 12.63 -21.58
CA MSE B 83 16.77 11.43 -20.90
C MSE B 83 17.30 10.40 -21.88
O MSE B 83 18.36 9.80 -21.65
CB MSE B 83 15.65 10.80 -20.06
CG MSE B 83 16.03 9.42 -19.56
SE MSE B 83 14.76 8.56 -18.41
CE MSE B 83 13.19 8.67 -19.56
H MSE B 83 15.46 12.74 -21.60
HA MSE B 83 17.48 11.68 -20.29
HB2 MSE B 83 15.49 11.37 -19.30
HB3 MSE B 83 14.85 10.73 -20.60
HG2 MSE B 83 16.17 8.84 -20.34
HG3 MSE B 83 16.87 9.49 -19.08
HE1 MSE B 83 12.44 8.26 -19.11
HE2 MSE B 83 13.00 9.59 -19.75
HE3 MSE B 83 13.37 8.20 -20.39
N GLN B 84 16.62 10.22 -23.01
CA GLN B 84 17.05 9.25 -24.00
C GLN B 84 18.45 9.55 -24.53
N ARG B 85 18.73 10.84 -24.74
CA ARG B 85 20.00 11.27 -25.28
C ARG B 85 21.11 11.30 -24.24
N GLY B 86 20.73 11.30 -22.97
CA GLY B 86 21.68 11.24 -21.86
C GLY B 86 22.02 12.57 -21.22
N THR B 87 21.30 13.62 -21.58
CA THR B 87 21.49 14.92 -20.96
C THR B 87 21.06 14.83 -19.51
N ILE B 88 19.96 14.14 -19.30
CA ILE B 88 19.47 13.83 -17.96
C ILE B 88 19.49 12.32 -17.76
N ASP B 89 19.92 11.88 -16.60
CA ASP B 89 20.13 10.45 -16.35
C ASP B 89 18.85 9.72 -15.94
N ALA B 90 18.02 10.40 -15.16
CA ALA B 90 16.85 9.74 -14.59
C ALA B 90 15.65 10.66 -14.57
N VAL B 91 14.47 10.06 -14.57
CA VAL B 91 13.24 10.80 -14.60
C VAL B 91 12.22 10.11 -13.69
N GLN B 92 11.51 10.92 -12.92
CA GLN B 92 10.29 10.48 -12.22
C GLN B 92 9.12 11.14 -12.93
N SER B 93 8.27 10.35 -13.58
CA SER B 93 7.16 10.92 -14.34
C SER B 93 6.16 9.86 -14.74
N ASP B 94 4.93 10.30 -15.02
CA ASP B 94 4.00 9.48 -15.80
C ASP B 94 4.47 9.52 -17.29
N ASP B 95 3.97 8.57 -18.08
CA ASP B 95 4.28 8.50 -19.51
C ASP B 95 3.59 9.61 -20.29
N ASP B 96 2.39 10.00 -19.83
CA ASP B 96 1.44 10.79 -20.62
C ASP B 96 1.87 12.26 -20.76
N SER B 97 2.20 12.93 -19.67
CA SER B 97 2.54 14.35 -19.75
C SER B 97 3.82 14.58 -20.53
N MSE B 98 4.76 13.64 -20.49
CA MSE B 98 5.98 13.81 -21.30
C MSE B 98 5.84 13.20 -22.70
O MSE B 98 6.80 13.25 -23.49
CB MSE B 98 7.23 13.27 -20.62
CG MSE B 98 7.30 11.77 -20.44
SE MSE B 98 9.04 11.32 -19.60
CE MSE B 98 8.62 9.47 -19.19
H MSE B 98 4.73 12.92 -20.01
HA MSE B 98 6.12 14.77 -21.42
HB2 MSE B 98 8.00 13.53 -21.15
HB3 MSE B 98 7.30 13.67 -19.74
HG2 MSE B 98 6.58 11.48 -19.86
HG3 MSE B 98 7.25 11.34 -21.31
HE1 MSE B 98 9.38 9.07 -18.75
HE2 MSE B 98 7.86 9.44 -18.60
HE3 MSE B 98 8.43 9.00 -20.00
N ALA B 99 4.67 12.65 -23.00
CA ALA B 99 4.39 12.10 -24.34
C ALA B 99 5.48 11.18 -24.84
N SER B 100 5.82 10.17 -24.04
CA SER B 100 6.78 9.17 -24.45
C SER B 100 6.30 8.51 -25.74
N PRO B 101 7.23 8.26 -26.66
CA PRO B 101 6.83 7.65 -27.92
C PRO B 101 6.78 6.13 -27.83
N THR B 102 5.76 5.64 -27.13
CA THR B 102 5.54 4.20 -26.92
C THR B 102 4.07 3.85 -27.03
N GLU B 103 3.77 2.55 -27.12
CA GLU B 103 2.39 2.08 -27.24
C GLU B 103 1.65 2.06 -25.93
N VAL B 104 2.35 2.34 -24.84
CA VAL B 104 1.70 2.28 -23.52
C VAL B 104 1.53 3.65 -22.88
N THR B 105 1.93 4.70 -23.58
CA THR B 105 1.87 6.04 -23.04
C THR B 105 0.45 6.47 -22.61
N VAL B 106 -0.56 6.08 -23.38
CA VAL B 106 -1.92 6.46 -23.03
C VAL B 106 -2.46 5.84 -21.74
N PHE B 107 -1.75 4.88 -21.14
CA PHE B 107 -2.21 4.27 -19.88
C PHE B 107 -1.58 4.88 -18.65
N GLY B 108 -0.51 5.65 -18.83
CA GLY B 108 0.12 6.39 -17.74
C GLY B 108 -0.71 7.61 -17.35
N GLY B 109 -0.43 8.19 -16.19
CA GLY B 109 -1.22 9.31 -15.70
C GLY B 109 -2.57 8.83 -15.21
N TYR B 110 -3.64 9.42 -15.71
CA TYR B 110 -5.01 9.03 -15.31
C TYR B 110 -5.78 8.36 -16.43
N PHE B 111 -5.59 7.05 -16.56
CA PHE B 111 -6.35 6.25 -17.52
C PHE B 111 -7.76 6.15 -16.94
N PRO B 112 -8.75 6.73 -17.63
CA PRO B 112 -10.08 6.89 -17.00
C PRO B 112 -10.69 5.59 -16.42
N PHE B 113 -10.96 5.62 -15.11
CA PHE B 113 -11.58 4.51 -14.39
C PHE B 113 -10.77 3.21 -14.44
N GLY B 114 -9.47 3.29 -14.66
CA GLY B 114 -8.64 2.12 -14.75
C GLY B 114 -8.47 1.44 -13.38
N CYS B 115 -8.13 2.20 -12.35
CA CYS B 115 -7.88 1.68 -11.02
C CYS B 115 -8.78 2.33 -9.96
N ARG B 116 -9.50 1.51 -9.21
CA ARG B 116 -10.30 2.02 -8.12
C ARG B 116 -9.44 2.38 -6.90
N TYR B 117 -8.39 1.58 -6.67
CA TYR B 117 -7.48 1.69 -5.52
C TYR B 117 -6.01 1.81 -5.92
N SER B 118 -5.25 2.56 -5.13
CA SER B 118 -3.83 2.70 -5.35
C SER B 118 -3.05 1.39 -5.41
N LEU B 119 -3.39 0.42 -4.57
CA LEU B 119 -2.67 -0.86 -4.59
C LEU B 119 -2.88 -1.68 -5.88
N ASP B 120 -3.90 -1.31 -6.66
CA ASP B 120 -4.08 -1.93 -7.96
C ASP B 120 -2.88 -1.70 -8.91
N VAL B 121 -2.17 -0.59 -8.74
CA VAL B 121 -1.03 -0.30 -9.64
C VAL B 121 0.13 -1.30 -9.50
N PRO B 122 0.68 -1.47 -8.26
CA PRO B 122 1.76 -2.45 -8.15
C PRO B 122 1.28 -3.90 -8.41
N VAL B 123 0.00 -4.20 -8.16
CA VAL B 123 -0.49 -5.54 -8.47
C VAL B 123 -0.58 -5.74 -10.00
N LEU B 124 -1.13 -4.78 -10.73
CA LEU B 124 -1.21 -4.89 -12.17
C LEU B 124 0.19 -5.05 -12.77
N PHE B 125 1.13 -4.27 -12.25
CA PHE B 125 2.50 -4.36 -12.76
C PHE B 125 3.24 -5.63 -12.40
N ASN B 126 3.13 -6.03 -11.14
CA ASN B 126 3.93 -7.15 -10.65
C ASN B 126 3.28 -8.51 -10.84
N GLN B 127 1.96 -8.52 -10.94
CA GLN B 127 1.23 -9.78 -11.04
C GLN B 127 0.38 -10.00 -12.28
N TYR B 128 0.07 -8.96 -13.06
CA TYR B 128 -0.78 -9.14 -14.23
C TYR B 128 -0.05 -8.73 -15.51
N GLY B 129 1.28 -8.68 -15.43
CA GLY B 129 2.11 -8.56 -16.64
C GLY B 129 2.47 -7.18 -17.14
N LEU B 130 2.03 -6.12 -16.46
CA LEU B 130 2.30 -4.80 -17.03
C LEU B 130 3.79 -4.42 -16.93
N LYS B 131 4.52 -4.90 -15.92
CA LYS B 131 5.94 -4.56 -15.79
C LYS B 131 6.73 -5.02 -17.01
N GLU B 132 6.50 -6.26 -17.48
CA GLU B 132 7.24 -6.76 -18.62
C GLU B 132 6.90 -5.98 -19.89
N ILE B 133 5.64 -5.57 -20.02
CA ILE B 133 5.22 -4.82 -21.21
C ILE B 133 5.89 -3.43 -21.22
N TRP B 134 5.86 -2.73 -20.09
CA TRP B 134 6.51 -1.43 -19.98
C TRP B 134 8.02 -1.57 -20.23
N GLU B 135 8.62 -2.60 -19.69
CA GLU B 135 10.06 -2.80 -19.86
C GLU B 135 10.43 -2.96 -21.34
N GLU B 136 9.69 -3.78 -22.07
CA GLU B 136 9.96 -4.03 -23.50
C GLU B 136 9.74 -2.74 -24.27
N GLU B 137 8.68 -2.02 -23.93
CA GLU B 137 8.35 -0.82 -24.71
C GLU B 137 9.43 0.28 -24.54
N TYR B 138 9.87 0.47 -23.31
CA TYR B 138 10.88 1.51 -23.06
C TYR B 138 12.28 1.05 -23.49
N ALA B 139 12.59 -0.24 -23.35
CA ALA B 139 13.90 -0.72 -23.78
C ALA B 139 14.10 -0.44 -25.28
N LYS B 140 13.04 -0.56 -26.07
CA LYS B 140 13.10 -0.32 -27.51
C LYS B 140 13.59 1.08 -27.82
N VAL B 141 13.27 2.02 -26.93
CA VAL B 141 13.61 3.42 -27.14
C VAL B 141 14.69 3.92 -26.17
N GLY B 142 15.54 3.01 -25.70
CA GLY B 142 16.75 3.43 -25.01
C GLY B 142 16.57 3.80 -23.54
N VAL B 143 15.51 3.31 -22.91
CA VAL B 143 15.18 3.71 -21.55
C VAL B 143 14.88 2.50 -20.67
N LYS B 144 15.40 2.48 -19.44
CA LYS B 144 15.04 1.48 -18.46
C LYS B 144 13.85 1.91 -17.64
N HIS B 145 12.78 1.11 -17.68
CA HIS B 145 11.67 1.25 -16.75
C HIS B 145 12.10 0.59 -15.47
N VAL B 146 12.26 1.38 -14.41
CA VAL B 146 12.77 0.83 -13.15
C VAL B 146 11.62 0.27 -12.34
N SER B 147 10.62 1.09 -12.08
CA SER B 147 9.44 0.63 -11.38
C SER B 147 8.32 1.63 -11.53
N ALA B 148 7.12 1.11 -11.57
CA ALA B 148 5.90 1.88 -11.54
C ALA B 148 5.34 2.01 -10.12
N GLY B 149 4.55 3.03 -9.88
CA GLY B 149 3.81 3.15 -8.62
C GLY B 149 2.58 4.01 -8.78
N ALA B 150 1.75 3.99 -7.76
CA ALA B 150 0.57 4.81 -7.67
C ALA B 150 0.86 6.15 -7.03
N TRP B 151 0.11 7.16 -7.42
CA TRP B 151 0.00 8.40 -6.69
C TRP B 151 -1.49 8.54 -6.26
N ASP B 152 -2.13 9.68 -6.57
CA ASP B 152 -3.42 10.07 -6.00
C ASP B 152 -4.58 9.86 -6.99
N PRO B 153 -5.83 9.95 -6.50
CA PRO B 153 -6.98 9.94 -7.40
C PRO B 153 -7.10 11.30 -8.13
N CYS B 154 -7.91 11.34 -9.18
CA CYS B 154 -8.12 12.55 -10.00
C CYS B 154 -9.48 13.15 -9.71
N HIS B 155 -9.50 14.35 -9.11
CA HIS B 155 -10.71 15.07 -8.79
C HIS B 155 -10.65 16.48 -9.35
N PHE B 156 -11.81 17.00 -9.74
CA PHE B 156 -11.92 18.42 -10.06
C PHE B 156 -11.90 19.26 -8.78
N ALA B 157 -10.98 20.21 -8.74
CA ALA B 157 -11.02 21.31 -7.75
C ALA B 157 -11.23 22.61 -8.50
N THR B 158 -12.26 23.37 -8.14
CA THR B 158 -12.72 24.47 -9.01
C THR B 158 -13.13 25.72 -8.24
N LYS B 159 -13.19 26.85 -8.93
CA LYS B 159 -13.61 28.10 -8.29
C LYS B 159 -15.12 28.15 -8.08
N GLU B 160 -15.87 27.59 -9.03
CA GLU B 160 -17.32 27.54 -8.94
C GLU B 160 -17.76 26.10 -8.72
N PRO B 161 -18.92 25.89 -8.09
CA PRO B 161 -19.34 24.53 -7.71
C PRO B 161 -19.83 23.68 -8.88
N ILE B 162 -19.42 22.41 -8.93
CA ILE B 162 -19.93 21.47 -9.92
C ILE B 162 -20.96 20.57 -9.26
N ARG B 163 -22.20 20.65 -9.73
CA ARG B 163 -23.31 19.88 -9.15
C ARG B 163 -24.05 19.05 -10.21
N SER B 164 -23.64 19.19 -11.47
CA SER B 164 -24.23 18.44 -12.58
C SER B 164 -23.18 18.36 -13.68
N LEU B 165 -23.40 17.49 -14.67
CA LEU B 165 -22.46 17.36 -15.79
C LEU B 165 -22.42 18.61 -16.66
N LYS B 166 -23.55 19.28 -16.79
CA LYS B 166 -23.59 20.50 -17.58
C LYS B 166 -22.62 21.53 -17.01
N ASP B 167 -22.38 21.47 -15.69
CA ASP B 167 -21.47 22.42 -15.05
C ASP B 167 -20.02 22.22 -15.47
N LEU B 168 -19.71 21.03 -16.00
CA LEU B 168 -18.39 20.77 -16.59
C LEU B 168 -18.14 21.57 -17.87
N GLU B 169 -19.20 21.85 -18.61
CA GLU B 169 -19.04 22.47 -19.93
C GLU B 169 -18.38 23.84 -19.86
N GLY B 170 -17.30 24.00 -20.63
CA GLY B 170 -16.63 25.28 -20.72
C GLY B 170 -15.47 25.45 -19.75
N LYS B 171 -15.39 24.59 -18.75
CA LYS B 171 -14.35 24.69 -17.72
C LYS B 171 -12.94 24.45 -18.24
N ARG B 172 -12.10 25.48 -18.10
CA ARG B 172 -10.69 25.39 -18.43
C ARG B 172 -9.97 24.80 -17.24
N VAL B 173 -9.45 23.59 -17.40
CA VAL B 173 -8.74 22.95 -16.31
C VAL B 173 -7.39 22.36 -16.72
N PHE B 174 -6.45 22.43 -15.82
CA PHE B 174 -5.15 21.77 -15.95
C PHE B 174 -5.32 20.28 -15.70
N THR B 175 -4.89 19.46 -16.64
CA THR B 175 -5.04 18.01 -16.55
C THR B 175 -3.94 17.34 -17.38
N PHE B 176 -4.03 16.02 -17.50
CA PHE B 176 -3.12 15.22 -18.30
C PHE B 176 -3.67 14.97 -19.72
N PRO B 177 -2.79 14.72 -20.70
CA PRO B 177 -3.26 14.70 -22.09
C PRO B 177 -4.36 13.68 -22.42
N THR B 178 -4.23 12.46 -21.92
CA THR B 178 -5.17 11.42 -22.27
C THR B 178 -6.49 11.61 -21.48
N ALA B 179 -6.40 11.86 -20.19
CA ALA B 179 -7.59 12.16 -19.43
C ALA B 179 -8.27 13.42 -19.98
N GLY B 180 -7.49 14.36 -20.47
CA GLY B 180 -8.04 15.56 -21.09
C GLY B 180 -8.81 15.29 -22.39
N ARG B 181 -8.27 14.43 -23.24
CA ARG B 181 -8.95 14.03 -24.46
C ARG B 181 -10.30 13.37 -24.11
N PHE B 182 -10.30 12.52 -23.09
CA PHE B 182 -11.55 11.93 -22.61
C PHE B 182 -12.55 13.04 -22.16
N LEU B 183 -12.08 13.95 -21.31
CA LEU B 183 -12.95 14.92 -20.68
C LEU B 183 -13.50 15.90 -21.71
N SER B 184 -12.81 16.02 -22.83
CA SER B 184 -13.22 16.99 -23.84
C SER B 184 -14.61 16.68 -24.36
N ARG B 185 -15.04 15.42 -24.29
CA ARG B 185 -16.34 15.04 -24.84
C ARG B 185 -17.46 15.68 -24.04
N PHE B 186 -17.15 16.09 -22.80
CA PHE B 186 -18.12 16.71 -21.91
C PHE B 186 -18.02 18.24 -21.90
N GLY B 187 -17.27 18.80 -22.85
CA GLY B 187 -17.14 20.23 -22.97
C GLY B 187 -16.04 20.82 -22.09
N VAL B 188 -15.26 19.96 -21.46
CA VAL B 188 -14.13 20.43 -20.67
C VAL B 188 -12.99 20.87 -21.58
N VAL B 189 -12.35 21.96 -21.21
CA VAL B 189 -11.24 22.48 -21.99
C VAL B 189 -9.95 22.15 -21.27
N PRO B 190 -9.27 21.07 -21.70
CA PRO B 190 -7.98 20.74 -21.10
C PRO B 190 -6.98 21.84 -21.45
N VAL B 191 -6.24 22.29 -20.45
CA VAL B 191 -5.28 23.37 -20.66
C VAL B 191 -3.98 22.85 -20.12
N THR B 192 -2.91 23.10 -20.84
CA THR B 192 -1.61 22.61 -20.43
C THR B 192 -0.69 23.78 -20.13
N LEU B 193 -0.35 23.95 -18.86
CA LEU B 193 0.60 24.96 -18.42
C LEU B 193 1.69 24.32 -17.57
N PRO B 194 2.86 24.97 -17.48
CA PRO B 194 3.86 24.46 -16.53
C PRO B 194 3.30 24.42 -15.12
N TRP B 195 3.62 23.36 -14.39
CA TRP B 195 3.08 23.18 -13.04
C TRP B 195 3.27 24.39 -12.13
N GLU B 196 4.44 25.06 -12.18
CA GLU B 196 4.69 26.18 -11.25
C GLU B 196 3.80 27.42 -11.53
N ASP B 197 3.17 27.46 -12.71
CA ASP B 197 2.32 28.58 -13.10
C ASP B 197 0.85 28.42 -12.66
N ILE B 198 0.50 27.26 -12.14
CA ILE B 198 -0.92 26.96 -11.91
C ILE B 198 -1.56 27.79 -10.78
N GLU B 199 -0.86 27.94 -9.66
CA GLU B 199 -1.41 28.67 -8.51
C GLU B 199 -1.97 30.05 -8.88
N VAL B 200 -1.19 30.81 -9.63
CA VAL B 200 -1.56 32.17 -9.98
C VAL B 200 -2.63 32.15 -11.05
N ALA B 201 -2.56 31.17 -11.96
CA ALA B 201 -3.57 31.06 -13.01
C ALA B 201 -4.94 30.85 -12.40
N LEU B 202 -5.00 30.16 -11.26
CA LEU B 202 -6.26 29.90 -10.58
C LEU B 202 -6.83 31.13 -9.88
N GLN B 203 -6.03 31.83 -9.08
CA GLN B 203 -6.58 33.00 -8.38
C GLN B 203 -6.73 34.21 -9.31
N THR B 204 -6.06 34.17 -10.45
CA THR B 204 -6.15 35.28 -11.41
C THR B 204 -5.93 34.80 -12.83
N GLY B 205 -7.00 34.70 -13.60
CA GLY B 205 -6.90 34.56 -15.04
C GLY B 205 -7.14 33.19 -15.66
N GLU B 206 -8.39 32.92 -15.99
CA GLU B 206 -8.74 31.77 -16.80
C GLU B 206 -7.88 30.52 -16.61
N LEU B 207 -7.85 30.03 -15.38
CA LEU B 207 -8.03 28.60 -15.18
C LEU B 207 -9.22 28.58 -14.25
N ASP B 208 -10.23 27.80 -14.60
CA ASP B 208 -11.41 27.70 -13.77
C ASP B 208 -11.19 26.65 -12.70
N GLY B 209 -10.16 25.82 -12.90
CA GLY B 209 -9.86 24.76 -11.96
C GLY B 209 -8.80 23.79 -12.41
N ILE B 210 -8.71 22.67 -11.69
CA ILE B 210 -7.71 21.65 -11.91
C ILE B 210 -8.38 20.27 -11.91
N ALA B 211 -7.87 19.36 -12.74
CA ALA B 211 -8.25 17.95 -12.73
C ALA B 211 -6.95 17.16 -12.92
N TRP B 212 -6.03 17.42 -12.01
CA TRP B 212 -4.63 16.99 -12.10
C TRP B 212 -4.21 16.19 -10.89
N SER B 213 -5.08 16.10 -9.89
CA SER B 213 -4.68 15.71 -8.56
C SER B 213 -5.89 15.42 -7.67
N GLY B 214 -5.58 14.90 -6.48
CA GLY B 214 -6.54 14.77 -5.40
C GLY B 214 -6.40 15.87 -4.37
N ILE B 215 -7.06 15.69 -3.23
CA ILE B 215 -7.15 16.71 -2.22
C ILE B 215 -5.86 16.85 -1.39
N THR B 216 -5.07 15.78 -1.25
CA THR B 216 -3.81 15.86 -0.51
C THR B 216 -2.86 16.84 -1.17
N GLU B 217 -2.71 16.76 -2.49
CA GLU B 217 -1.83 17.67 -3.22
C GLU B 217 -2.44 19.07 -3.18
N ASP B 218 -3.75 19.15 -3.33
CA ASP B 218 -4.39 20.47 -3.37
C ASP B 218 -4.07 21.31 -2.13
N TYR B 219 -4.18 20.70 -0.95
CA TYR B 219 -3.85 21.40 0.27
C TYR B 219 -2.34 21.60 0.42
N THR B 220 -1.56 20.58 0.12
CA THR B 220 -0.12 20.62 0.33
C THR B 220 0.55 21.74 -0.48
N VAL B 221 0.17 21.90 -1.76
CA VAL B 221 0.94 22.77 -2.66
C VAL B 221 0.32 24.16 -2.80
N GLY B 222 -0.83 24.37 -2.16
CA GLY B 222 -1.46 25.68 -2.15
C GLY B 222 -2.60 25.89 -3.12
N TRP B 223 -2.95 24.90 -3.93
CA TRP B 223 -4.06 25.06 -4.88
C TRP B 223 -5.42 25.21 -4.17
N ALA B 224 -5.54 24.67 -2.96
CA ALA B 224 -6.77 24.79 -2.19
C ALA B 224 -7.00 26.22 -1.68
N ASN B 225 -5.96 27.04 -1.73
CA ASN B 225 -6.04 28.42 -1.29
C ASN B 225 -6.63 29.30 -2.38
N VAL B 226 -6.71 28.75 -3.59
CA VAL B 226 -7.12 29.51 -4.78
C VAL B 226 -8.23 28.80 -5.57
N THR B 227 -8.84 27.80 -4.96
CA THR B 227 -10.08 27.20 -5.45
C THR B 227 -11.04 27.05 -4.28
N ASN B 228 -12.30 26.75 -4.56
CA ASN B 228 -13.34 26.77 -3.55
C ASN B 228 -14.10 25.45 -3.38
N TYR B 229 -14.12 24.62 -4.42
CA TYR B 229 -14.93 23.41 -4.44
C TYR B 229 -14.15 22.19 -4.91
N PHE B 230 -14.56 21.05 -4.37
CA PHE B 230 -13.94 19.73 -4.64
C PHE B 230 -15.07 18.75 -4.97
N LEU B 231 -15.05 18.23 -6.20
CA LEU B 231 -16.05 17.28 -6.67
C LEU B 231 -15.68 15.87 -6.23
N THR B 232 -16.58 15.20 -5.51
CA THR B 232 -16.25 13.89 -4.91
C THR B 232 -16.15 12.74 -5.92
N ASN B 233 -16.78 12.91 -7.10
CA ASN B 233 -16.73 11.88 -8.14
C ASN B 233 -15.39 11.91 -8.88
N ASN B 234 -14.49 10.96 -8.63
CA ASN B 234 -13.21 10.94 -9.35
C ASN B 234 -13.34 10.36 -10.78
N ILE B 235 -12.33 10.61 -11.63
CA ILE B 235 -12.26 9.95 -12.92
C ILE B 235 -11.13 8.91 -12.97
N SER B 236 -10.48 8.70 -11.83
CA SER B 236 -9.47 7.66 -11.66
C SER B 236 -9.16 7.59 -10.17
N GLY B 237 -8.98 6.38 -9.63
CA GLY B 237 -8.60 6.17 -8.25
C GLY B 237 -7.11 6.21 -7.98
N ALA B 238 -6.30 6.25 -9.02
CA ALA B 238 -4.84 6.21 -8.82
C ALA B 238 -4.06 6.56 -10.10
N TRP B 239 -3.27 7.63 -10.02
CA TRP B 239 -2.33 8.02 -11.10
C TRP B 239 -1.22 6.97 -11.21
N ILE B 240 -0.78 6.70 -12.44
CA ILE B 240 0.36 5.81 -12.69
C ILE B 240 1.57 6.64 -13.14
N GLY B 241 2.62 6.59 -12.34
CA GLY B 241 3.91 7.13 -12.71
C GLY B 241 5.03 6.12 -12.46
N HIS B 242 6.26 6.52 -12.75
CA HIS B 242 7.38 5.58 -12.75
C HIS B 242 8.69 6.31 -12.49
N PHE B 243 9.69 5.51 -12.15
CA PHE B 243 11.07 5.92 -12.23
C PHE B 243 11.67 5.29 -13.51
N PHE B 244 12.30 6.14 -14.32
CA PHE B 244 12.98 5.75 -15.55
C PHE B 244 14.46 6.19 -15.52
N VAL B 245 15.34 5.40 -16.15
CA VAL B 245 16.74 5.75 -16.28
C VAL B 245 17.25 5.55 -17.72
N ASN B 246 18.07 6.47 -18.21
CA ASN B 246 18.74 6.26 -19.49
C ASN B 246 19.38 4.86 -19.48
N MSE B 247 19.12 4.06 -20.51
CA MSE B 247 19.54 2.66 -20.46
C MSE B 247 21.06 2.50 -20.35
O MSE B 247 21.53 1.59 -19.70
CB MSE B 247 18.99 1.89 -21.66
CG MSE B 247 19.40 0.41 -21.68
SE MSE B 247 18.68 -0.65 -20.21
CE MSE B 247 16.91 -1.02 -21.00
H MSE B 247 18.72 4.29 -21.24
HA MSE B 247 19.14 2.26 -19.66
HB2 MSE B 247 18.03 1.93 -21.65
HB3 MSE B 247 19.33 2.29 -22.47
HG2 MSE B 247 19.08 0.02 -22.50
HG3 MSE B 247 20.36 0.35 -21.63
HE1 MSE B 247 16.40 -1.55 -20.39
HE2 MSE B 247 16.46 -0.18 -21.16
HE3 MSE B 247 17.03 -1.49 -21.83
N GLU B 248 21.82 3.38 -21.02
CA GLU B 248 23.28 3.29 -20.94
C GLU B 248 23.73 3.55 -19.50
N ARG B 249 23.17 4.58 -18.87
CA ARG B 249 23.51 4.86 -17.47
C ARG B 249 23.13 3.68 -16.57
N TRP B 250 21.99 3.07 -16.86
CA TRP B 250 21.55 1.92 -16.06
C TRP B 250 22.57 0.77 -16.11
N GLU B 251 23.05 0.44 -17.30
CA GLU B 251 23.95 -0.69 -17.50
C GLU B 251 25.32 -0.46 -16.87
N GLU B 252 25.67 0.82 -16.67
CA GLU B 252 26.96 1.19 -16.13
C GLU B 252 26.99 1.07 -14.62
N LEU B 253 25.83 0.98 -14.00
CA LEU B 253 25.79 0.95 -12.55
C LEU B 253 26.38 -0.33 -11.98
N PRO B 254 27.20 -0.18 -10.92
CA PRO B 254 27.59 -1.35 -10.13
C PRO B 254 26.35 -2.04 -9.54
N GLU B 255 26.40 -3.35 -9.36
CA GLU B 255 25.24 -4.07 -8.83
C GLU B 255 24.69 -3.47 -7.55
N ASP B 256 25.57 -3.23 -6.58
CA ASP B 256 25.10 -2.81 -5.27
C ASP B 256 24.35 -1.47 -5.31
N LEU B 257 24.81 -0.56 -6.17
CA LEU B 257 24.15 0.73 -6.33
C LEU B 257 22.83 0.64 -7.10
N ARG B 258 22.77 -0.23 -8.11
CA ARG B 258 21.51 -0.50 -8.79
C ARG B 258 20.47 -1.02 -7.82
N LEU B 259 20.86 -2.00 -6.98
CA LEU B 259 19.92 -2.55 -6.02
C LEU B 259 19.49 -1.49 -5.00
N LEU B 260 20.44 -0.68 -4.53
CA LEU B 260 20.11 0.44 -3.65
C LEU B 260 19.13 1.41 -4.29
N PHE B 261 19.37 1.77 -5.55
CA PHE B 261 18.45 2.66 -6.23
C PHE B 261 17.06 2.04 -6.33
N GLU B 262 16.98 0.77 -6.70
CA GLU B 262 15.68 0.11 -6.81
C GLU B 262 14.93 0.11 -5.47
N VAL B 263 15.63 -0.18 -4.37
CA VAL B 263 14.95 -0.28 -3.07
C VAL B 263 14.49 1.09 -2.60
N CYS B 264 15.29 2.12 -2.84
CA CYS B 264 14.90 3.47 -2.48
C CYS B 264 13.70 3.92 -3.32
N CYS B 265 13.66 3.54 -4.60
CA CYS B 265 12.47 3.84 -5.39
C CYS B 265 11.21 3.16 -4.83
N GLU B 266 11.34 1.90 -4.42
CA GLU B 266 10.20 1.19 -3.81
C GLU B 266 9.78 1.86 -2.51
N GLN B 267 10.76 2.36 -1.77
CA GLN B 267 10.46 3.10 -0.55
C GLN B 267 9.66 4.37 -0.85
N SER B 268 10.04 5.05 -1.93
CA SER B 268 9.28 6.22 -2.41
C SER B 268 7.83 5.86 -2.75
N HIS B 269 7.64 4.74 -3.44
CA HIS B 269 6.30 4.28 -3.78
C HIS B 269 5.50 3.96 -2.52
N TYR B 270 6.13 3.26 -1.58
CA TYR B 270 5.48 2.90 -0.31
C TYR B 270 5.03 4.13 0.44
N HIS B 271 5.93 5.11 0.58
CA HIS B 271 5.59 6.34 1.25
C HIS B 271 4.36 6.98 0.62
N ARG B 272 4.32 7.06 -0.70
CA ARG B 272 3.15 7.66 -1.36
C ARG B 272 1.86 6.86 -1.13
N GLN B 273 1.94 5.53 -1.09
CA GLN B 273 0.75 4.73 -0.82
C GLN B 273 0.10 5.17 0.49
N TYR B 274 0.87 5.29 1.58
CA TYR B 274 0.25 5.75 2.84
C TYR B 274 0.03 7.24 2.95
N TRP B 275 0.86 8.06 2.28
CA TRP B 275 0.66 9.50 2.34
C TRP B 275 -0.70 9.84 1.74
N TYR B 276 -1.01 9.28 0.58
CA TYR B 276 -2.29 9.56 -0.08
C TYR B 276 -3.49 8.85 0.61
N TRP B 277 -3.28 7.63 1.06
CA TRP B 277 -4.39 6.90 1.70
C TRP B 277 -4.82 7.68 2.93
N GLY B 278 -3.87 8.24 3.68
CA GLY B 278 -4.18 8.98 4.88
C GLY B 278 -4.70 10.39 4.62
N GLY B 279 -4.09 11.04 3.62
CA GLY B 279 -4.42 12.42 3.31
C GLY B 279 -5.80 12.64 2.69
N GLU B 280 -6.19 11.79 1.76
CA GLU B 280 -7.47 12.04 1.06
C GLU B 280 -8.61 11.99 2.06
N ALA B 281 -8.64 10.97 2.92
CA ALA B 281 -9.71 10.85 3.90
C ALA B 281 -9.70 11.98 4.91
N ARG B 282 -8.53 12.29 5.44
CA ARG B 282 -8.41 13.24 6.51
C ARG B 282 -8.88 14.62 6.06
N LEU B 283 -8.46 14.99 4.86
CA LEU B 283 -8.75 16.35 4.40
C LEU B 283 -10.18 16.51 3.92
N ARG B 284 -10.77 15.45 3.38
CA ARG B 284 -12.18 15.49 3.02
C ARG B 284 -13.05 15.70 4.26
N VAL B 285 -12.64 15.09 5.36
CA VAL B 285 -13.40 15.19 6.58
C VAL B 285 -13.11 16.47 7.36
N HIS B 286 -11.84 16.87 7.41
CA HIS B 286 -11.42 17.94 8.33
C HIS B 286 -10.93 19.22 7.67
N GLY B 287 -10.64 19.14 6.38
CA GLY B 287 -10.27 20.33 5.62
C GLY B 287 -11.35 21.38 5.57
N ASP B 288 -10.94 22.63 5.75
CA ASP B 288 -11.82 23.80 5.77
C ASP B 288 -11.68 24.68 4.53
N LYS B 289 -10.88 24.26 3.56
CA LYS B 289 -10.53 25.14 2.43
C LYS B 289 -11.30 24.87 1.14
N LEU B 290 -11.89 23.69 1.02
CA LEU B 290 -12.71 23.37 -0.14
C LEU B 290 -14.01 22.75 0.34
N GLU B 291 -15.13 23.18 -0.24
CA GLU B 291 -16.45 22.60 0.04
C GLU B 291 -16.72 21.44 -0.89
N LEU B 292 -17.11 20.30 -0.33
CA LEU B 292 -17.34 19.10 -1.13
C LEU B 292 -18.66 19.17 -1.87
N THR B 293 -18.65 18.84 -3.16
CA THR B 293 -19.89 18.66 -3.92
C THR B 293 -19.92 17.28 -4.55
N SER B 294 -21.11 16.88 -5.03
CA SER B 294 -21.29 15.55 -5.60
C SER B 294 -22.29 15.61 -6.74
N ILE B 295 -21.98 14.92 -7.84
CA ILE B 295 -22.97 14.67 -8.88
C ILE B 295 -23.66 13.36 -8.55
N PRO B 296 -24.99 13.31 -8.72
CA PRO B 296 -25.66 12.05 -8.39
C PRO B 296 -25.11 10.87 -9.19
N ASP B 297 -25.08 9.71 -8.56
CA ASP B 297 -24.57 8.50 -9.20
C ASP B 297 -25.24 8.19 -10.53
N ALA B 298 -26.55 8.37 -10.61
CA ALA B 298 -27.29 8.08 -11.85
C ALA B 298 -26.80 8.95 -13.00
N GLU B 299 -26.50 10.21 -12.69
CA GLU B 299 -26.00 11.14 -13.68
C GLU B 299 -24.55 10.81 -14.05
N TRP B 300 -23.72 10.57 -13.04
CA TRP B 300 -22.32 10.24 -13.30
C TRP B 300 -22.14 8.94 -14.10
N ASP B 301 -23.19 8.12 -14.16
CA ASP B 301 -23.16 6.90 -14.97
C ASP B 301 -22.84 7.20 -16.44
N GLN B 302 -23.26 8.37 -16.92
CA GLN B 302 -22.99 8.78 -18.30
C GLN B 302 -21.48 8.87 -18.56
N VAL B 303 -20.73 9.38 -17.58
CA VAL B 303 -19.28 9.46 -17.69
C VAL B 303 -18.61 8.09 -17.68
N GLU B 304 -19.07 7.19 -16.81
CA GLU B 304 -18.53 5.84 -16.79
C GLU B 304 -18.80 5.10 -18.12
N THR B 305 -20.01 5.25 -18.63
CA THR B 305 -20.36 4.70 -19.94
C THR B 305 -19.42 5.20 -21.04
N ALA B 306 -19.22 6.51 -21.10
CA ALA B 306 -18.34 7.08 -22.11
C ALA B 306 -16.92 6.57 -21.97
N ALA B 307 -16.46 6.31 -20.75
CA ALA B 307 -15.11 5.81 -20.55
C ALA B 307 -14.95 4.42 -21.16
N GLN B 308 -16.00 3.60 -21.06
CA GLN B 308 -16.03 2.28 -21.69
C GLN B 308 -15.74 2.41 -23.18
N GLU B 309 -16.45 3.33 -23.82
CA GLU B 309 -16.29 3.60 -25.25
C GLU B 309 -14.86 4.07 -25.54
N PHE B 310 -14.32 4.89 -24.65
CA PHE B 310 -12.96 5.42 -24.81
C PHE B 310 -11.93 4.28 -24.78
N TRP B 311 -12.10 3.34 -23.85
CA TRP B 311 -11.19 2.19 -23.81
C TRP B 311 -11.23 1.40 -25.11
N ASP B 312 -12.41 1.22 -25.67
CA ASP B 312 -12.53 0.44 -26.89
C ASP B 312 -11.85 1.16 -28.06
N GLU B 313 -11.96 2.48 -28.11
CA GLU B 313 -11.24 3.25 -29.12
C GLU B 313 -9.73 3.07 -29.03
N ILE B 314 -9.22 3.12 -27.81
CA ILE B 314 -7.80 2.89 -27.57
C ILE B 314 -7.37 1.47 -27.99
N ALA B 315 -8.15 0.47 -27.57
CA ALA B 315 -7.85 -0.92 -27.92
C ALA B 315 -7.69 -1.10 -29.44
N ALA B 316 -8.46 -0.35 -30.21
CA ALA B 316 -8.54 -0.56 -31.64
C ALA B 316 -7.35 0.09 -32.34
N GLN B 317 -6.57 0.86 -31.59
CA GLN B 317 -5.45 1.56 -32.18
C GLN B 317 -4.21 0.70 -32.40
N SER B 318 -4.04 -0.36 -31.60
CA SER B 318 -2.92 -1.28 -31.78
C SER B 318 -3.07 -2.53 -30.93
N GLU B 319 -2.37 -3.59 -31.33
CA GLU B 319 -2.43 -4.85 -30.60
C GLU B 319 -1.94 -4.71 -29.16
N THR B 320 -0.89 -3.94 -28.94
CA THR B 320 -0.37 -3.73 -27.61
C THR B 320 -1.39 -2.99 -26.75
N LYS B 321 -2.01 -1.95 -27.32
CA LYS B 321 -3.07 -1.25 -26.61
C LYS B 321 -4.24 -2.19 -26.30
N ALA B 322 -4.64 -3.00 -27.29
CA ALA B 322 -5.72 -3.96 -27.07
C ALA B 322 -5.38 -4.93 -25.91
N LYS B 323 -4.13 -5.36 -25.84
CA LYS B 323 -3.72 -6.31 -24.79
C LYS B 323 -3.78 -5.66 -23.43
N VAL B 324 -3.31 -4.42 -23.31
CA VAL B 324 -3.37 -3.72 -22.03
C VAL B 324 -4.81 -3.41 -21.60
N VAL B 325 -5.65 -2.94 -22.53
CA VAL B 325 -7.05 -2.70 -22.21
C VAL B 325 -7.70 -3.99 -21.67
N GLU B 326 -7.38 -5.12 -22.27
CA GLU B 326 -7.99 -6.38 -21.84
C GLU B 326 -7.55 -6.73 -20.44
N ILE B 327 -6.29 -6.44 -20.11
CA ILE B 327 -5.84 -6.67 -18.75
C ILE B 327 -6.61 -5.81 -17.75
N PHE B 328 -6.80 -4.53 -18.03
CA PHE B 328 -7.64 -3.68 -17.16
C PHE B 328 -9.08 -4.21 -17.02
N LYS B 329 -9.68 -4.62 -18.13
CA LYS B 329 -11.04 -5.13 -18.09
C LYS B 329 -11.12 -6.39 -17.25
N GLN B 330 -10.20 -7.32 -17.46
CA GLN B 330 -10.25 -8.57 -16.71
C GLN B 330 -10.02 -8.33 -15.22
N TYR B 331 -9.09 -7.43 -14.90
CA TYR B 331 -8.76 -7.14 -13.51
C TYR B 331 -10.00 -6.60 -12.83
N ASN B 332 -10.63 -5.60 -13.42
CA ASN B 332 -11.81 -4.98 -12.82
C ASN B 332 -12.98 -5.97 -12.68
N ALA B 333 -13.17 -6.84 -13.69
CA ALA B 333 -14.14 -7.94 -13.58
C ALA B 333 -13.85 -8.84 -12.40
N ASP B 334 -12.59 -9.21 -12.21
CA ASP B 334 -12.23 -10.10 -11.09
C ASP B 334 -12.42 -9.42 -9.72
N MSE B 335 -12.27 -8.10 -9.64
CA MSE B 335 -12.53 -7.39 -8.38
C MSE B 335 -14.00 -7.52 -7.97
O MSE B 335 -14.30 -7.71 -6.81
CB MSE B 335 -12.14 -5.91 -8.47
CG MSE B 335 -10.65 -5.67 -8.77
SE MSE B 335 -9.47 -6.46 -7.42
CE MSE B 335 -8.77 -7.97 -8.42
H MSE B 335 -12.00 -7.60 -10.29
HA MSE B 335 -11.98 -7.79 -7.68
HB2 MSE B 335 -12.66 -5.50 -9.17
HB3 MSE B 335 -12.34 -5.48 -7.62
HG2 MSE B 335 -10.43 -6.07 -9.63
HG3 MSE B 335 -10.48 -4.72 -8.80
HE1 MSE B 335 -8.16 -8.46 -7.86
HE2 MSE B 335 -9.50 -8.54 -8.68
HE3 MSE B 335 -8.31 -7.65 -9.20
N ARG B 336 -14.91 -7.43 -8.94
CA ARG B 336 -16.33 -7.58 -8.65
C ARG B 336 -16.63 -8.99 -8.16
N LYS B 337 -15.98 -9.98 -8.75
CA LYS B 337 -16.16 -11.37 -8.32
C LYS B 337 -15.54 -11.63 -6.96
N ALA B 338 -14.45 -10.94 -6.66
CA ALA B 338 -13.77 -11.13 -5.37
C ALA B 338 -14.59 -10.58 -4.22
N GLY B 339 -15.27 -9.47 -4.46
CA GLY B 339 -16.09 -8.83 -3.45
C GLY B 339 -15.33 -7.99 -2.42
N ARG B 340 -15.77 -8.01 -1.17
CA ARG B 340 -15.20 -7.09 -0.18
C ARG B 340 -13.75 -7.45 0.19
N PRO B 341 -12.90 -6.44 0.45
CA PRO B 341 -13.13 -4.99 0.44
C PRO B 341 -12.79 -4.32 -0.88
N TYR B 342 -12.65 -5.11 -1.93
CA TYR B 342 -12.35 -4.60 -3.26
C TYR B 342 -13.55 -3.92 -3.88
N ARG B 343 -14.71 -4.57 -3.77
CA ARG B 343 -15.97 -4.05 -4.31
C ARG B 343 -17.11 -4.33 -3.35
N TYR B 344 -18.07 -3.41 -3.29
CA TYR B 344 -19.25 -3.58 -2.46
C TYR B 344 -20.55 -3.56 -3.28
CL CL C . 10.52 -9.30 2.48
CL CL D . 5.96 2.54 11.99
CA ETA E . -0.24 -13.66 9.99
N ETA E . -1.08 -14.28 8.95
C ETA E . 0.89 -12.84 9.34
O ETA E . 1.71 -13.74 8.58
HA1 ETA E . -0.79 -13.05 10.56
HA2 ETA E . 0.24 -14.34 10.53
HB1 ETA E . 1.43 -12.43 10.08
HB2 ETA E . 0.52 -12.12 8.75
CL CL F . 10.12 9.96 -1.84
CL CL G . 6.90 -2.04 -11.67
CA ETA H . -0.38 13.73 -10.06
N ETA H . -1.33 14.37 -9.16
C ETA H . 0.78 13.02 -9.33
O ETA H . 1.46 13.99 -8.45
HA1 ETA H . -0.84 13.01 -10.59
HA2 ETA H . 0.08 14.39 -10.64
HB1 ETA H . 0.38 12.27 -8.80
HB2 ETA H . 1.44 12.67 -10.00
#